data_2WNZ
#
_entry.id   2WNZ
#
_cell.length_a   56.921
_cell.length_b   143.041
_cell.length_c   83.918
_cell.angle_alpha   90.00
_cell.angle_beta   109.79
_cell.angle_gamma   90.00
#
_symmetry.space_group_name_H-M   'P 1 21 1'
#
loop_
_entity.id
_entity.type
_entity.pdbx_description
1 polymer 'N-ACETYLNEURAMINATE LYASE'
2 non-polymer 'LACTIC ACID'
3 non-polymer 2-ETHOXYETHANOL
4 non-polymer '(2S)-2-HYDROXYPROPANOIC ACID'
5 water water
#
_entity_poly.entity_id   1
_entity_poly.type   'polypeptide(L)'
_entity_poly.pdbx_seq_one_letter_code
;MEHHHHHHATNLRGVMAALLTPFDQQQALDKASLRRLVQFNIQQGIDGLYVGGSTGEAFVQSLSEREQVLEIVAEEAKGK
IKLIAHVGCVSTAESQQLAASAKRYGFDAVSAVTPFYYPFSFEEHCDHYRAIIDSADGLPMVVYNIPALSGVKLTLDQIN
TLVTLPGVGAL(KPI)QTSGDLYQMEQIRREHPDLVLYNGYDNIFASGLLAGADGGIGSTYNIMGWRYQGIVKALKEGDI
QTAQKLQTECNKVIDLLIKTGVFRGLKTVLHYMDVVSVPLCRKPFGPVDEKYLPELKALAQQLMQERG
;
_entity_poly.pdbx_strand_id   A,B,C,D
#
loop_
_chem_comp.id
_chem_comp.type
_chem_comp.name
_chem_comp.formula
2OP non-polymer '(2S)-2-HYDROXYPROPANOIC ACID' 'C3 H6 O3'
ETX non-polymer 2-ETHOXYETHANOL 'C4 H10 O2'
LAC non-polymer 'LACTIC ACID' 'C3 H6 O3'
#
# COMPACT_ATOMS: atom_id res chain seq x y z
N HIS A 3 31.98 -3.91 13.44
CA HIS A 3 31.66 -2.79 14.36
C HIS A 3 31.65 -3.29 15.80
N HIS A 4 32.51 -2.71 16.63
CA HIS A 4 32.72 -3.19 18.01
C HIS A 4 31.48 -3.17 18.91
N HIS A 5 30.59 -2.21 18.69
CA HIS A 5 29.31 -2.20 19.38
C HIS A 5 28.53 -3.50 19.12
N HIS A 6 28.69 -4.10 17.95
CA HIS A 6 28.05 -5.40 17.66
C HIS A 6 28.71 -6.51 18.46
N HIS A 7 30.04 -6.52 18.49
CA HIS A 7 30.80 -7.50 19.29
C HIS A 7 30.41 -7.46 20.77
N HIS A 8 30.25 -6.25 21.31
CA HIS A 8 30.00 -6.09 22.75
C HIS A 8 28.58 -6.54 23.15
N ALA A 9 27.68 -6.65 22.16
CA ALA A 9 26.29 -7.08 22.41
C ALA A 9 26.07 -8.58 22.17
N THR A 10 27.14 -9.32 21.90
CA THR A 10 27.06 -10.75 21.62
C THR A 10 26.21 -11.51 22.64
N ASN A 11 26.31 -11.12 23.92
CA ASN A 11 25.56 -11.80 24.99
C ASN A 11 24.03 -11.67 24.90
N LEU A 12 23.53 -10.80 24.04
CA LEU A 12 22.09 -10.62 23.87
C LEU A 12 21.46 -11.58 22.84
N ARG A 13 22.29 -12.34 22.13
CA ARG A 13 21.78 -13.32 21.17
C ARG A 13 20.90 -14.36 21.88
N GLY A 14 19.74 -14.65 21.29
CA GLY A 14 18.86 -15.67 21.83
C GLY A 14 17.40 -15.54 21.51
N VAL A 15 16.61 -16.36 22.20
CA VAL A 15 15.17 -16.46 22.04
C VAL A 15 14.56 -15.78 23.27
N MET A 16 13.94 -14.62 23.05
CA MET A 16 13.40 -13.79 24.14
CA MET A 16 13.41 -13.79 24.14
C MET A 16 11.89 -13.62 23.98
N ALA A 17 11.13 -13.93 25.03
CA ALA A 17 9.67 -13.74 24.97
C ALA A 17 9.35 -12.26 25.07
N ALA A 18 8.45 -11.79 24.19
CA ALA A 18 7.88 -10.45 24.30
C ALA A 18 6.80 -10.53 25.38
N LEU A 19 7.14 -10.08 26.57
CA LEU A 19 6.29 -10.31 27.75
C LEU A 19 4.93 -9.61 27.65
N LEU A 20 3.86 -10.34 27.95
CA LEU A 20 2.53 -9.75 28.07
C LEU A 20 2.43 -9.00 29.41
N THR A 21 1.55 -7.99 29.47
CA THR A 21 1.21 -7.33 30.73
C THR A 21 -0.17 -7.78 31.24
N PRO A 22 -0.20 -8.63 32.28
CA PRO A 22 -1.48 -8.99 32.88
C PRO A 22 -2.22 -7.80 33.48
N PHE A 23 -3.54 -7.79 33.35
CA PHE A 23 -4.38 -6.78 34.00
C PHE A 23 -5.45 -7.46 34.83
N ASP A 24 -5.94 -6.75 35.86
CA ASP A 24 -7.04 -7.23 36.71
C ASP A 24 -8.40 -6.83 36.10
N GLN A 25 -9.48 -7.10 36.83
CA GLN A 25 -10.83 -6.83 36.34
C GLN A 25 -11.12 -5.35 36.07
N GLN A 26 -10.39 -4.45 36.72
CA GLN A 26 -10.56 -3.02 36.49
C GLN A 26 -9.49 -2.46 35.55
N GLN A 27 -8.79 -3.35 34.84
CA GLN A 27 -7.77 -2.98 33.83
C GLN A 27 -6.56 -2.26 34.43
N ALA A 28 -6.31 -2.51 35.71
CA ALA A 28 -5.09 -2.06 36.35
C ALA A 28 -4.10 -3.20 36.28
N LEU A 29 -2.82 -2.90 36.46
CA LEU A 29 -1.77 -3.91 36.51
C LEU A 29 -2.12 -4.99 37.55
N ASP A 30 -2.06 -6.25 37.13
CA ASP A 30 -2.18 -7.39 38.03
C ASP A 30 -0.76 -7.84 38.35
N LYS A 31 -0.24 -7.36 39.49
CA LYS A 31 1.17 -7.57 39.85
C LYS A 31 1.49 -9.04 40.11
N ALA A 32 0.58 -9.74 40.78
CA ALA A 32 0.79 -11.14 41.10
C ALA A 32 0.88 -12.01 39.84
N SER A 33 0.03 -11.71 38.85
CA SER A 33 0.07 -12.43 37.57
C SER A 33 1.32 -12.11 36.75
N LEU A 34 1.76 -10.86 36.78
CA LEU A 34 3.02 -10.47 36.12
C LEU A 34 4.18 -11.30 36.68
N ARG A 35 4.27 -11.41 38.01
CA ARG A 35 5.33 -12.22 38.62
C ARG A 35 5.23 -13.69 38.22
N ARG A 36 4.02 -14.24 38.24
CA ARG A 36 3.80 -15.63 37.78
C ARG A 36 4.25 -15.82 36.33
N LEU A 37 3.93 -14.85 35.47
CA LEU A 37 4.27 -14.94 34.06
C LEU A 37 5.77 -14.94 33.84
N VAL A 38 6.48 -14.06 34.54
CA VAL A 38 7.93 -13.99 34.44
C VAL A 38 8.55 -15.35 34.82
N GLN A 39 8.09 -15.96 35.91
CA GLN A 39 8.67 -17.23 36.36
C GLN A 39 8.36 -18.36 35.40
N PHE A 40 7.13 -18.36 34.90
CA PHE A 40 6.69 -19.34 33.93
C PHE A 40 7.59 -19.33 32.68
N ASN A 41 7.99 -18.14 32.23
CA ASN A 41 8.91 -17.99 31.09
C ASN A 41 10.30 -18.53 31.40
N ILE A 42 10.82 -18.17 32.58
CA ILE A 42 12.11 -18.70 33.05
C ILE A 42 12.11 -20.24 33.05
N GLN A 43 11.02 -20.82 33.56
CA GLN A 43 10.89 -22.29 33.66
C GLN A 43 10.77 -22.99 32.30
N GLN A 44 10.40 -22.24 31.26
CA GLN A 44 10.38 -22.77 29.89
C GLN A 44 11.77 -22.86 29.28
N GLY A 45 12.77 -22.23 29.89
CA GLY A 45 14.12 -22.22 29.36
C GLY A 45 14.39 -21.07 28.40
N ILE A 46 13.60 -20.00 28.52
CA ILE A 46 13.73 -18.81 27.65
C ILE A 46 15.03 -18.09 28.00
N ASP A 47 15.70 -17.52 26.99
CA ASP A 47 16.98 -16.85 27.21
C ASP A 47 16.81 -15.49 27.86
N GLY A 48 15.64 -14.89 27.70
CA GLY A 48 15.42 -13.54 28.23
C GLY A 48 14.03 -13.01 27.97
N LEU A 49 13.78 -11.78 28.43
CA LEU A 49 12.46 -11.15 28.25
C LEU A 49 12.58 -9.77 27.62
N TYR A 50 11.63 -9.48 26.73
CA TYR A 50 11.52 -8.19 26.07
C TYR A 50 10.27 -7.55 26.67
N VAL A 51 10.49 -6.52 27.48
CA VAL A 51 9.46 -5.98 28.37
C VAL A 51 8.98 -4.63 27.89
N GLY A 52 7.66 -4.45 27.91
CA GLY A 52 7.05 -3.17 27.54
C GLY A 52 7.03 -2.92 26.05
N GLY A 53 6.99 -3.98 25.24
CA GLY A 53 6.95 -3.86 23.78
C GLY A 53 5.52 -3.81 23.29
N SER A 54 5.32 -4.03 21.99
CA SER A 54 3.97 -4.11 21.43
C SER A 54 3.11 -5.12 22.18
N THR A 55 3.68 -6.31 22.34
CA THR A 55 3.03 -7.40 23.04
C THR A 55 2.68 -7.06 24.50
N GLY A 56 3.49 -6.22 25.14
CA GLY A 56 3.22 -5.79 26.52
C GLY A 56 2.15 -4.72 26.62
N GLU A 57 1.52 -4.37 25.49
CA GLU A 57 0.52 -3.32 25.41
C GLU A 57 1.02 -1.98 25.95
N ALA A 58 2.29 -1.67 25.65
CA ALA A 58 2.92 -0.42 26.06
C ALA A 58 2.18 0.84 25.62
N PHE A 59 1.58 0.80 24.43
CA PHE A 59 1.02 2.01 23.85
C PHE A 59 -0.39 2.33 24.35
N VAL A 60 -0.93 1.48 25.24
CA VAL A 60 -2.09 1.83 26.08
C VAL A 60 -1.76 1.91 27.59
N GLN A 61 -0.48 2.14 27.90
CA GLN A 61 -0.05 2.37 29.28
C GLN A 61 0.64 3.73 29.38
N SER A 62 0.61 4.30 30.57
CA SER A 62 1.35 5.52 30.85
C SER A 62 2.82 5.17 31.11
N LEU A 63 3.67 6.18 31.13
CA LEU A 63 5.08 6.00 31.48
C LEU A 63 5.23 5.35 32.86
N SER A 64 4.45 5.84 33.83
CA SER A 64 4.52 5.35 35.20
C SER A 64 4.15 3.88 35.27
N GLU A 65 3.11 3.48 34.54
CA GLU A 65 2.73 2.08 34.48
C GLU A 65 3.84 1.22 33.86
N ARG A 66 4.43 1.71 32.78
CA ARG A 66 5.51 0.99 32.09
C ARG A 66 6.72 0.78 33.01
N GLU A 67 7.08 1.82 33.76
CA GLU A 67 8.17 1.73 34.74
C GLU A 67 7.90 0.72 35.86
N GLN A 68 6.66 0.67 36.36
CA GLN A 68 6.29 -0.30 37.38
C GLN A 68 6.49 -1.73 36.90
N VAL A 69 6.04 -1.99 35.67
CA VAL A 69 6.24 -3.30 35.05
C VAL A 69 7.72 -3.60 34.95
N LEU A 70 8.48 -2.63 34.46
CA LEU A 70 9.92 -2.80 34.31
C LEU A 70 10.58 -3.14 35.66
N GLU A 71 10.18 -2.41 36.69
CA GLU A 71 10.75 -2.58 38.04
C GLU A 71 10.44 -3.97 38.57
N ILE A 72 9.19 -4.37 38.47
CA ILE A 72 8.79 -5.69 38.95
C ILE A 72 9.52 -6.80 38.19
N VAL A 73 9.65 -6.68 36.86
CA VAL A 73 10.32 -7.74 36.09
C VAL A 73 11.80 -7.86 36.49
N ALA A 74 12.46 -6.73 36.73
CA ALA A 74 13.85 -6.74 37.21
C ALA A 74 13.98 -7.43 38.57
N GLU A 75 13.05 -7.14 39.48
CA GLU A 75 13.05 -7.78 40.80
C GLU A 75 12.98 -9.29 40.65
N GLU A 76 12.12 -9.75 39.75
CA GLU A 76 11.89 -11.17 39.54
C GLU A 76 13.01 -11.88 38.77
N ALA A 77 13.61 -11.20 37.79
CA ALA A 77 14.43 -11.89 36.78
C ALA A 77 15.86 -11.39 36.61
N LYS A 78 16.21 -10.23 37.17
CA LYS A 78 17.56 -9.70 36.93
C LYS A 78 18.63 -10.72 37.36
N GLY A 79 19.61 -10.95 36.48
CA GLY A 79 20.70 -11.89 36.74
C GLY A 79 20.38 -13.34 36.41
N LYS A 80 19.11 -13.65 36.22
CA LYS A 80 18.68 -15.02 35.95
C LYS A 80 18.51 -15.27 34.45
N ILE A 81 17.96 -14.28 33.75
CA ILE A 81 17.83 -14.27 32.28
C ILE A 81 18.05 -12.85 31.78
N LYS A 82 18.28 -12.68 30.48
CA LYS A 82 18.52 -11.36 29.92
C LYS A 82 17.22 -10.56 29.91
N LEU A 83 17.34 -9.25 30.11
CA LEU A 83 16.18 -8.35 30.16
C LEU A 83 16.40 -7.16 29.24
N ILE A 84 15.50 -7.00 28.27
CA ILE A 84 15.53 -5.90 27.35
C ILE A 84 14.31 -5.05 27.63
N ALA A 85 14.52 -3.76 27.82
CA ALA A 85 13.46 -2.83 28.17
C ALA A 85 13.06 -2.10 26.91
N HIS A 86 11.86 -2.39 26.41
CA HIS A 86 11.35 -1.56 25.34
C HIS A 86 10.81 -0.25 25.93
N VAL A 87 11.50 0.83 25.60
CA VAL A 87 11.28 2.15 26.17
C VAL A 87 10.71 3.11 25.13
N GLY A 88 10.45 2.62 23.92
CA GLY A 88 10.05 3.48 22.82
C GLY A 88 8.69 4.14 22.98
N CYS A 89 8.65 5.44 22.72
CA CYS A 89 7.41 6.20 22.58
C CYS A 89 7.52 6.99 21.30
N VAL A 90 6.46 7.67 20.92
CA VAL A 90 6.54 8.63 19.83
C VAL A 90 7.50 9.75 20.24
N SER A 91 7.32 10.25 21.47
CA SER A 91 8.16 11.32 22.01
C SER A 91 9.55 10.82 22.36
N THR A 92 10.58 11.57 21.96
CA THR A 92 11.95 11.24 22.35
C THR A 92 12.14 11.37 23.86
N ALA A 93 11.66 12.51 24.41
CA ALA A 93 11.77 12.77 25.85
C ALA A 93 11.16 11.67 26.70
N GLU A 94 9.97 11.19 26.34
CA GLU A 94 9.36 10.11 27.08
C GLU A 94 10.21 8.85 26.99
N SER A 95 10.69 8.57 25.77
CA SER A 95 11.53 7.40 25.55
C SER A 95 12.79 7.47 26.44
N GLN A 96 13.35 8.66 26.58
CA GLN A 96 14.55 8.85 27.40
C GLN A 96 14.31 8.59 28.89
N GLN A 97 13.15 9.03 29.39
CA GLN A 97 12.75 8.77 30.77
C GLN A 97 12.72 7.27 31.04
N LEU A 98 12.11 6.51 30.13
CA LEU A 98 12.02 5.08 30.32
C LEU A 98 13.38 4.40 30.23
N ALA A 99 14.23 4.90 29.32
CA ALA A 99 15.59 4.39 29.19
C ALA A 99 16.39 4.63 30.49
N ALA A 100 16.27 5.84 31.04
CA ALA A 100 16.90 6.17 32.32
C ALA A 100 16.43 5.23 33.42
N SER A 101 15.12 4.98 33.48
CA SER A 101 14.55 4.06 34.46
C SER A 101 15.03 2.62 34.27
N ALA A 102 15.03 2.14 33.03
CA ALA A 102 15.61 0.82 32.69
C ALA A 102 17.05 0.67 33.22
N LYS A 103 17.86 1.69 33.04
CA LYS A 103 19.23 1.71 33.57
C LYS A 103 19.17 1.56 35.09
N ARG A 104 18.41 2.44 35.73
CA ARG A 104 18.25 2.39 37.19
C ARG A 104 17.82 1.01 37.70
N TYR A 105 16.94 0.32 37.00
CA TYR A 105 16.45 -0.99 37.45
C TYR A 105 17.41 -2.14 37.11
N GLY A 106 18.47 -1.87 36.36
CA GLY A 106 19.45 -2.90 36.05
C GLY A 106 19.12 -3.80 34.87
N PHE A 107 18.48 -3.23 33.84
CA PHE A 107 18.23 -3.97 32.61
C PHE A 107 19.52 -4.16 31.82
N ASP A 108 19.53 -5.18 30.97
CA ASP A 108 20.71 -5.50 30.14
C ASP A 108 20.74 -4.69 28.85
N ALA A 109 19.57 -4.24 28.40
CA ALA A 109 19.46 -3.49 27.15
C ALA A 109 18.20 -2.66 27.10
N VAL A 110 18.21 -1.67 26.23
CA VAL A 110 16.99 -0.94 25.85
C VAL A 110 16.68 -1.17 24.37
N SER A 111 15.46 -0.77 23.98
CA SER A 111 14.95 -0.97 22.64
C SER A 111 13.90 0.10 22.38
N ALA A 112 13.79 0.60 21.16
CA ALA A 112 12.75 1.56 20.81
C ALA A 112 12.22 1.29 19.41
N VAL A 113 10.90 1.20 19.29
CA VAL A 113 10.23 1.17 18.00
C VAL A 113 10.53 2.47 17.27
N THR A 114 10.59 2.40 15.95
CA THR A 114 10.75 3.59 15.13
C THR A 114 9.52 4.45 15.46
N PRO A 115 9.72 5.70 15.87
CA PRO A 115 8.60 6.51 16.32
C PRO A 115 7.59 6.72 15.20
N PHE A 116 6.31 6.63 15.57
CA PHE A 116 5.24 6.43 14.62
C PHE A 116 4.22 7.59 14.60
N TYR A 117 3.12 7.37 13.87
CA TYR A 117 2.05 8.35 13.62
C TYR A 117 2.47 9.51 12.72
N TYR A 118 3.32 10.39 13.22
CA TYR A 118 3.78 11.50 12.42
C TYR A 118 4.94 11.03 11.55
N PRO A 119 4.95 11.42 10.26
CA PRO A 119 6.11 11.15 9.43
C PRO A 119 7.33 11.90 9.95
N PHE A 120 8.42 11.19 10.24
CA PHE A 120 9.67 11.82 10.63
C PHE A 120 10.70 11.50 9.55
N SER A 121 11.65 12.40 9.33
CA SER A 121 12.71 12.14 8.36
C SER A 121 13.65 11.06 8.92
N PHE A 122 14.49 10.50 8.05
CA PHE A 122 15.46 9.52 8.51
C PHE A 122 16.45 10.15 9.49
N GLU A 123 16.90 11.36 9.20
CA GLU A 123 17.77 12.07 10.14
C GLU A 123 17.11 12.21 11.51
N GLU A 124 15.79 12.47 11.53
CA GLU A 124 15.05 12.60 12.79
C GLU A 124 14.98 11.28 13.53
N HIS A 125 14.75 10.21 12.81
CA HIS A 125 14.88 8.88 13.37
C HIS A 125 16.24 8.64 14.03
N CYS A 126 17.31 8.93 13.30
CA CYS A 126 18.66 8.71 13.82
C CYS A 126 18.91 9.47 15.13
N ASP A 127 18.53 10.75 15.17
CA ASP A 127 18.66 11.57 16.39
C ASP A 127 17.85 11.02 17.57
N HIS A 128 16.63 10.55 17.28
CA HIS A 128 15.79 9.90 18.27
C HIS A 128 16.57 8.78 18.98
N TYR A 129 17.12 7.85 18.20
CA TYR A 129 17.90 6.75 18.75
C TYR A 129 19.14 7.23 19.51
N ARG A 130 19.80 8.25 19.01
CA ARG A 130 21.01 8.77 19.66
C ARG A 130 20.66 9.30 21.07
N ALA A 131 19.61 10.11 21.14
CA ALA A 131 19.15 10.69 22.41
C ALA A 131 18.80 9.61 23.42
N ILE A 132 18.13 8.55 22.97
CA ILE A 132 17.73 7.47 23.85
C ILE A 132 18.96 6.66 24.32
N ILE A 133 19.88 6.42 23.39
CA ILE A 133 21.16 5.76 23.69
C ILE A 133 21.93 6.51 24.80
N ASP A 134 22.02 7.83 24.69
CA ASP A 134 22.64 8.65 25.73
C ASP A 134 21.99 8.46 27.12
N SER A 135 20.66 8.47 27.14
CA SER A 135 19.90 8.30 28.38
C SER A 135 19.98 6.88 28.94
N ALA A 136 20.22 5.90 28.07
CA ALA A 136 20.42 4.53 28.47
C ALA A 136 21.75 4.31 29.21
N ASP A 137 22.67 5.27 29.08
CA ASP A 137 23.89 5.33 29.91
C ASP A 137 24.67 4.01 29.93
N GLY A 138 24.93 3.47 28.74
CA GLY A 138 25.74 2.25 28.59
C GLY A 138 24.99 0.99 28.21
N LEU A 139 23.69 0.93 28.47
CA LEU A 139 22.88 -0.19 28.03
C LEU A 139 22.81 -0.16 26.49
N PRO A 140 23.08 -1.29 25.84
CA PRO A 140 23.00 -1.31 24.38
C PRO A 140 21.58 -1.15 23.87
N MET A 141 21.46 -0.61 22.66
CA MET A 141 20.17 -0.34 22.03
C MET A 141 19.81 -1.43 21.02
N VAL A 142 18.58 -1.94 21.13
CA VAL A 142 18.00 -2.80 20.12
C VAL A 142 17.02 -1.96 19.28
N VAL A 143 17.38 -1.68 18.05
CA VAL A 143 16.47 -1.00 17.13
C VAL A 143 15.32 -1.94 16.79
N TYR A 144 14.07 -1.43 16.86
CA TYR A 144 12.88 -2.25 16.67
C TYR A 144 12.18 -1.78 15.41
N ASN A 145 12.21 -2.64 14.39
CA ASN A 145 11.64 -2.36 13.08
C ASN A 145 10.37 -3.21 12.87
N ILE A 146 9.22 -2.55 12.72
CA ILE A 146 7.95 -3.23 12.50
C ILE A 146 7.08 -2.39 11.54
N PRO A 147 7.42 -2.41 10.24
CA PRO A 147 6.78 -1.52 9.27
C PRO A 147 5.26 -1.68 9.21
N ALA A 148 4.78 -2.91 9.39
CA ALA A 148 3.35 -3.20 9.32
C ALA A 148 2.52 -2.31 10.28
N LEU A 149 3.06 -2.04 11.48
CA LEU A 149 2.33 -1.25 12.48
C LEU A 149 2.81 0.19 12.58
N SER A 150 4.12 0.41 12.39
CA SER A 150 4.72 1.73 12.55
C SER A 150 4.43 2.68 11.38
N GLY A 151 4.24 2.12 10.17
CA GLY A 151 4.15 2.93 8.95
C GLY A 151 5.49 3.46 8.47
N VAL A 152 6.57 3.10 9.17
CA VAL A 152 7.89 3.62 8.85
C VAL A 152 8.55 2.64 7.88
N LYS A 153 8.96 3.15 6.73
CA LYS A 153 9.43 2.30 5.62
C LYS A 153 10.88 2.64 5.30
N LEU A 154 11.77 2.08 6.11
CA LEU A 154 13.20 2.31 5.97
C LEU A 154 13.78 1.50 4.81
N THR A 155 14.69 2.10 4.05
CA THR A 155 15.44 1.35 3.03
C THR A 155 16.49 0.48 3.72
N LEU A 156 17.10 -0.43 2.98
CA LEU A 156 18.19 -1.25 3.53
C LEU A 156 19.37 -0.36 3.94
N ASP A 157 19.67 0.66 3.13
CA ASP A 157 20.77 1.60 3.42
C ASP A 157 20.49 2.36 4.73
N GLN A 158 19.22 2.65 4.99
CA GLN A 158 18.81 3.33 6.23
C GLN A 158 18.91 2.40 7.42
N ILE A 159 18.46 1.17 7.25
CA ILE A 159 18.62 0.15 8.27
C ILE A 159 20.11 -0.05 8.62
N ASN A 160 20.98 -0.05 7.61
CA ASN A 160 22.42 -0.21 7.82
C ASN A 160 23.03 0.93 8.64
N THR A 161 22.62 2.16 8.35
CA THR A 161 23.05 3.32 9.12
C THR A 161 22.53 3.25 10.56
N LEU A 162 21.26 2.89 10.73
CA LEU A 162 20.67 2.81 12.07
C LEU A 162 21.39 1.79 12.94
N VAL A 163 21.56 0.58 12.43
CA VAL A 163 22.16 -0.51 13.22
C VAL A 163 23.66 -0.35 13.48
N THR A 164 24.28 0.64 12.84
CA THR A 164 25.70 0.95 13.12
C THR A 164 25.89 2.30 13.83
N LEU A 165 24.81 2.90 14.34
CA LEU A 165 24.96 4.06 15.22
C LEU A 165 25.72 3.64 16.47
N PRO A 166 26.60 4.52 16.99
CA PRO A 166 27.26 4.16 18.25
C PRO A 166 26.24 3.79 19.34
N GLY A 167 26.43 2.63 19.96
CA GLY A 167 25.57 2.14 21.04
C GLY A 167 24.51 1.12 20.62
N VAL A 168 24.33 0.93 19.31
CA VAL A 168 23.38 -0.08 18.85
C VAL A 168 24.04 -1.44 18.82
N GLY A 169 23.40 -2.43 19.44
CA GLY A 169 23.92 -3.78 19.53
C GLY A 169 23.04 -4.84 18.93
N ALA A 170 21.85 -4.48 18.44
CA ALA A 170 20.95 -5.48 17.87
C ALA A 170 19.82 -4.87 17.06
N LEU A 171 19.13 -5.73 16.30
CA LEU A 171 17.96 -5.35 15.51
C LEU A 171 16.88 -6.37 15.73
N KPI A 172 15.72 -5.89 16.18
CA KPI A 172 14.52 -6.70 16.21
CB KPI A 172 13.62 -6.33 17.38
CG KPI A 172 12.38 -7.19 17.45
CD KPI A 172 11.46 -6.80 18.59
CE KPI A 172 10.20 -7.60 18.58
NZ KPI A 172 9.23 -7.04 19.54
CX1 KPI A 172 8.05 -7.57 19.86
C1 KPI A 172 7.65 -9.00 19.54
CX2 KPI A 172 7.10 -6.67 20.63
O1 KPI A 172 7.45 -5.50 20.85
O2 KPI A 172 6.01 -7.14 20.97
C KPI A 172 13.80 -6.46 14.89
O KPI A 172 13.22 -5.38 14.69
N GLN A 173 13.87 -7.45 14.01
CA GLN A 173 13.41 -7.34 12.64
C GLN A 173 12.05 -8.02 12.52
N THR A 174 10.99 -7.26 12.79
CA THR A 174 9.65 -7.76 12.64
C THR A 174 9.22 -7.42 11.20
N SER A 175 9.80 -8.19 10.28
CA SER A 175 9.47 -8.11 8.84
C SER A 175 9.48 -9.51 8.27
N GLY A 176 8.57 -9.77 7.34
CA GLY A 176 8.48 -11.05 6.67
C GLY A 176 9.32 -11.12 5.39
N ASP A 177 10.13 -10.10 5.14
CA ASP A 177 11.02 -10.04 3.98
C ASP A 177 12.35 -10.71 4.30
N LEU A 178 12.50 -11.98 3.90
CA LEU A 178 13.71 -12.75 4.23
C LEU A 178 14.86 -12.57 3.26
N TYR A 179 14.65 -11.83 2.17
CA TYR A 179 15.76 -11.36 1.36
C TYR A 179 16.48 -10.31 2.17
N GLN A 180 15.72 -9.36 2.70
CA GLN A 180 16.31 -8.32 3.56
C GLN A 180 16.96 -8.89 4.82
N MET A 181 16.36 -9.92 5.43
CA MET A 181 16.98 -10.59 6.60
C MET A 181 18.38 -11.08 6.22
N GLU A 182 18.49 -11.76 5.08
CA GLU A 182 19.80 -12.21 4.59
C GLU A 182 20.73 -11.06 4.28
N GLN A 183 20.23 -10.02 3.62
CA GLN A 183 21.04 -8.85 3.33
C GLN A 183 21.62 -8.18 4.60
N ILE A 184 20.80 -8.07 5.65
CA ILE A 184 21.26 -7.50 6.93
C ILE A 184 22.37 -8.37 7.53
N ARG A 185 22.18 -9.68 7.55
CA ARG A 185 23.20 -10.59 8.06
C ARG A 185 24.50 -10.46 7.29
N ARG A 186 24.40 -10.37 5.96
CA ARG A 186 25.60 -10.29 5.12
C ARG A 186 26.37 -9.01 5.33
N GLU A 187 25.66 -7.89 5.49
CA GLU A 187 26.30 -6.61 5.77
C GLU A 187 26.88 -6.56 7.19
N HIS A 188 26.24 -7.23 8.14
CA HIS A 188 26.62 -7.12 9.57
C HIS A 188 26.80 -8.51 10.20
N PRO A 189 27.95 -9.15 9.96
CA PRO A 189 28.11 -10.55 10.37
C PRO A 189 28.02 -10.81 11.89
N ASP A 190 28.28 -9.79 12.70
CA ASP A 190 28.28 -9.94 14.16
CA ASP A 190 28.28 -9.94 14.16
C ASP A 190 27.06 -9.30 14.84
N LEU A 191 26.13 -8.76 14.05
CA LEU A 191 24.92 -8.15 14.60
C LEU A 191 23.96 -9.20 15.17
N VAL A 192 23.52 -8.95 16.42
CA VAL A 192 22.44 -9.73 17.01
C VAL A 192 21.17 -9.35 16.22
N LEU A 193 20.48 -10.36 15.70
CA LEU A 193 19.41 -10.17 14.69
C LEU A 193 18.24 -11.04 15.07
N TYR A 194 17.23 -10.42 15.70
CA TYR A 194 16.07 -11.17 16.19
C TYR A 194 15.00 -11.23 15.12
N ASN A 195 14.54 -12.45 14.84
CA ASN A 195 13.37 -12.67 14.00
C ASN A 195 12.15 -12.23 14.79
N GLY A 196 11.30 -11.40 14.18
CA GLY A 196 10.17 -10.80 14.89
C GLY A 196 8.82 -11.44 14.63
N TYR A 197 8.63 -12.07 13.46
CA TYR A 197 7.39 -12.78 13.19
C TYR A 197 7.56 -14.26 13.51
N ASP A 198 6.82 -14.72 14.53
CA ASP A 198 6.91 -16.09 15.03
C ASP A 198 6.57 -17.17 14.00
N ASN A 199 5.63 -16.86 13.11
CA ASN A 199 5.19 -17.82 12.11
C ASN A 199 6.19 -18.09 10.95
N ILE A 200 7.33 -17.42 10.94
CA ILE A 200 8.39 -17.74 10.00
C ILE A 200 9.75 -17.95 10.71
N PHE A 201 9.71 -18.15 12.02
CA PHE A 201 10.93 -18.28 12.83
C PHE A 201 12.00 -19.19 12.18
N ALA A 202 11.65 -20.43 11.82
CA ALA A 202 12.66 -21.37 11.25
C ALA A 202 13.26 -20.82 9.96
N SER A 203 12.42 -20.23 9.11
CA SER A 203 12.88 -19.63 7.85
C SER A 203 13.69 -18.36 8.09
N GLY A 204 13.35 -17.61 9.14
CA GLY A 204 14.11 -16.40 9.48
C GLY A 204 15.52 -16.71 9.95
N LEU A 205 15.63 -17.74 10.79
CA LEU A 205 16.92 -18.25 11.21
C LEU A 205 17.77 -18.70 10.01
N LEU A 206 17.19 -19.51 9.12
CA LEU A 206 17.90 -19.94 7.90
C LEU A 206 18.40 -18.74 7.07
N ALA A 207 17.57 -17.69 6.97
CA ALA A 207 17.95 -16.49 6.23
C ALA A 207 19.06 -15.67 6.90
N GLY A 208 19.28 -15.84 8.19
CA GLY A 208 20.39 -15.15 8.89
C GLY A 208 20.11 -14.57 10.28
N ALA A 209 18.86 -14.57 10.73
CA ALA A 209 18.56 -14.20 12.12
C ALA A 209 19.27 -15.20 13.04
N ASP A 210 19.74 -14.74 14.19
CA ASP A 210 20.42 -15.62 15.16
C ASP A 210 19.65 -15.75 16.46
N GLY A 211 18.35 -15.44 16.39
CA GLY A 211 17.47 -15.54 17.53
C GLY A 211 16.11 -14.99 17.17
N GLY A 212 15.30 -14.74 18.18
CA GLY A 212 13.99 -14.14 17.98
C GLY A 212 13.45 -13.47 19.21
N ILE A 213 12.47 -12.59 18.99
CA ILE A 213 11.67 -12.03 20.04
C ILE A 213 10.24 -12.16 19.58
N GLY A 214 9.39 -12.78 20.38
CA GLY A 214 8.02 -13.02 19.96
C GLY A 214 7.01 -13.18 21.08
N SER A 215 5.76 -12.88 20.75
CA SER A 215 4.65 -12.97 21.69
C SER A 215 4.23 -14.39 22.07
N THR A 216 4.30 -15.32 21.12
CA THR A 216 3.82 -16.70 21.37
C THR A 216 4.82 -17.49 22.22
N TYR A 217 6.01 -16.94 22.43
CA TYR A 217 7.02 -17.59 23.24
C TYR A 217 6.53 -17.73 24.69
N ASN A 218 5.65 -16.83 25.12
CA ASN A 218 5.04 -16.89 26.47
C ASN A 218 4.35 -18.22 26.76
N ILE A 219 3.77 -18.86 25.75
CA ILE A 219 3.06 -20.12 25.95
C ILE A 219 3.76 -21.35 25.38
N MET A 220 4.78 -21.16 24.53
CA MET A 220 5.48 -22.30 23.91
CA MET A 220 5.48 -22.30 23.92
C MET A 220 6.91 -21.98 23.50
N GLY A 221 7.57 -21.12 24.27
CA GLY A 221 8.97 -20.74 24.04
C GLY A 221 9.97 -21.88 23.84
N TRP A 222 9.70 -23.04 24.43
CA TRP A 222 10.59 -24.22 24.27
C TRP A 222 10.58 -24.77 22.85
N ARG A 223 9.49 -24.54 22.13
CA ARG A 223 9.38 -24.95 20.73
C ARG A 223 10.39 -24.18 19.87
N TYR A 224 10.50 -22.88 20.14
CA TYR A 224 11.42 -22.02 19.39
C TYR A 224 12.87 -22.35 19.78
N GLN A 225 13.09 -22.67 21.05
CA GLN A 225 14.38 -23.16 21.51
CA GLN A 225 14.39 -23.16 21.48
C GLN A 225 14.68 -24.48 20.76
N GLY A 226 13.67 -25.34 20.65
CA GLY A 226 13.79 -26.62 19.92
C GLY A 226 14.10 -26.48 18.43
N ILE A 227 13.59 -25.40 17.82
CA ILE A 227 13.91 -25.10 16.42
C ILE A 227 15.37 -24.65 16.26
N VAL A 228 15.85 -23.77 17.13
CA VAL A 228 17.27 -23.37 17.13
C VAL A 228 18.18 -24.61 17.25
N LYS A 229 17.83 -25.51 18.16
CA LYS A 229 18.60 -26.73 18.40
C LYS A 229 18.59 -27.67 17.19
N ALA A 230 17.41 -27.92 16.64
CA ALA A 230 17.28 -28.77 15.44
C ALA A 230 18.12 -28.23 14.28
N LEU A 231 18.07 -26.93 14.03
CA LEU A 231 18.83 -26.33 12.94
C LEU A 231 20.34 -26.41 13.18
N LYS A 232 20.77 -26.19 14.42
CA LYS A 232 22.19 -26.28 14.78
C LYS A 232 22.73 -27.69 14.53
N GLU A 233 21.90 -28.69 14.84
CA GLU A 233 22.24 -30.10 14.63
C GLU A 233 22.02 -30.58 13.19
N GLY A 234 21.41 -29.73 12.36
CA GLY A 234 21.14 -30.08 10.97
C GLY A 234 19.99 -31.03 10.80
N ASP A 235 19.08 -31.04 11.79
CA ASP A 235 17.90 -31.87 11.77
C ASP A 235 16.73 -31.02 11.24
N ILE A 236 16.62 -30.96 9.92
CA ILE A 236 15.69 -30.07 9.26
C ILE A 236 14.25 -30.52 9.47
N GLN A 237 14.01 -31.83 9.57
CA GLN A 237 12.67 -32.38 9.75
C GLN A 237 12.04 -32.01 11.09
N THR A 238 12.83 -32.08 12.16
CA THR A 238 12.38 -31.64 13.47
C THR A 238 12.10 -30.13 13.49
N ALA A 239 12.96 -29.34 12.85
CA ALA A 239 12.74 -27.89 12.77
C ALA A 239 11.42 -27.56 12.07
N GLN A 240 11.15 -28.22 10.94
CA GLN A 240 9.92 -28.02 10.19
C GLN A 240 8.68 -28.45 10.97
N LYS A 241 8.78 -29.59 11.65
CA LYS A 241 7.68 -30.10 12.46
C LYS A 241 7.28 -29.11 13.56
N LEU A 242 8.28 -28.56 14.23
CA LEU A 242 8.06 -27.61 15.31
C LEU A 242 7.46 -26.30 14.78
N GLN A 243 8.01 -25.79 13.69
CA GLN A 243 7.44 -24.57 13.08
C GLN A 243 5.98 -24.79 12.68
N THR A 244 5.68 -25.95 12.09
CA THR A 244 4.31 -26.32 11.72
C THR A 244 3.37 -26.36 12.93
N GLU A 245 3.83 -26.90 14.05
CA GLU A 245 3.02 -26.91 15.25
C GLU A 245 2.83 -25.49 15.79
N CYS A 246 3.89 -24.69 15.76
CA CYS A 246 3.79 -23.29 16.15
C CYS A 246 2.76 -22.56 15.31
N ASN A 247 2.78 -22.78 13.99
CA ASN A 247 1.85 -22.10 13.07
C ASN A 247 0.40 -22.54 13.21
N LYS A 248 0.17 -23.81 13.61
CA LYS A 248 -1.18 -24.25 13.94
C LYS A 248 -1.74 -23.44 15.11
N VAL A 249 -0.88 -23.14 16.07
CA VAL A 249 -1.27 -22.34 17.23
C VAL A 249 -1.44 -20.89 16.81
N ILE A 250 -0.51 -20.38 16.01
CA ILE A 250 -0.59 -19.00 15.51
C ILE A 250 -1.89 -18.78 14.71
N ASP A 251 -2.24 -19.73 13.85
CA ASP A 251 -3.54 -19.71 13.15
C ASP A 251 -4.72 -19.42 14.10
N LEU A 252 -4.79 -20.16 15.20
CA LEU A 252 -5.85 -19.97 16.18
C LEU A 252 -5.77 -18.60 16.86
N LEU A 253 -4.57 -18.20 17.26
CA LEU A 253 -4.38 -16.92 17.95
C LEU A 253 -4.76 -15.73 17.06
N ILE A 254 -4.49 -15.85 15.76
CA ILE A 254 -4.90 -14.81 14.79
C ILE A 254 -6.42 -14.69 14.75
N LYS A 255 -7.10 -15.84 14.82
CA LYS A 255 -8.57 -15.86 14.88
C LYS A 255 -9.10 -15.24 16.16
N THR A 256 -8.53 -15.63 17.30
CA THR A 256 -9.03 -15.14 18.59
C THR A 256 -8.66 -13.70 18.91
N GLY A 257 -7.62 -13.19 18.25
CA GLY A 257 -6.85 -12.03 18.71
C GLY A 257 -5.64 -12.58 19.44
N VAL A 258 -4.46 -12.10 19.08
CA VAL A 258 -3.22 -12.72 19.52
C VAL A 258 -2.93 -12.48 21.01
N PHE A 259 -2.96 -11.23 21.46
CA PHE A 259 -2.57 -10.96 22.86
C PHE A 259 -3.57 -11.59 23.82
N ARG A 260 -4.85 -11.34 23.56
CA ARG A 260 -5.90 -11.89 24.41
C ARG A 260 -6.00 -13.42 24.34
N GLY A 261 -5.74 -13.99 23.16
CA GLY A 261 -5.67 -15.45 23.02
C GLY A 261 -4.57 -16.06 23.87
N LEU A 262 -3.40 -15.41 23.86
CA LEU A 262 -2.27 -15.83 24.69
C LEU A 262 -2.57 -15.69 26.18
N LYS A 263 -3.20 -14.58 26.57
CA LYS A 263 -3.56 -14.34 27.97
C LYS A 263 -4.57 -15.37 28.48
N THR A 264 -5.50 -15.77 27.61
CA THR A 264 -6.50 -16.80 27.93
C THR A 264 -5.86 -18.17 28.11
N VAL A 265 -4.94 -18.55 27.21
CA VAL A 265 -4.19 -19.80 27.36
C VAL A 265 -3.42 -19.80 28.68
N LEU A 266 -2.73 -18.70 28.97
CA LEU A 266 -2.02 -18.55 30.24
C LEU A 266 -2.94 -18.56 31.46
N HIS A 267 -4.20 -18.20 31.26
CA HIS A 267 -5.23 -18.26 32.31
C HIS A 267 -5.58 -19.71 32.64
N TYR A 268 -5.68 -20.55 31.63
CA TYR A 268 -5.94 -21.98 31.83
C TYR A 268 -4.70 -22.74 32.29
N MET A 269 -3.52 -22.15 32.11
CA MET A 269 -2.28 -22.68 32.67
C MET A 269 -2.04 -22.22 34.12
N ASP A 270 -3.05 -21.56 34.71
CA ASP A 270 -3.01 -21.04 36.08
C ASP A 270 -1.97 -19.94 36.32
N VAL A 271 -1.62 -19.20 35.28
CA VAL A 271 -0.61 -18.13 35.40
C VAL A 271 -1.24 -16.74 35.50
N VAL A 272 -2.22 -16.46 34.65
CA VAL A 272 -2.89 -15.16 34.57
C VAL A 272 -4.30 -15.24 35.15
N SER A 273 -4.61 -14.35 36.08
CA SER A 273 -5.90 -14.41 36.80
C SER A 273 -7.07 -13.92 35.96
N VAL A 274 -6.87 -12.83 35.22
CA VAL A 274 -7.92 -12.23 34.39
C VAL A 274 -7.30 -11.92 33.01
N PRO A 275 -7.71 -12.65 31.95
CA PRO A 275 -7.01 -12.60 30.68
C PRO A 275 -7.46 -11.46 29.75
N LEU A 276 -7.77 -10.29 30.29
CA LEU A 276 -8.21 -9.17 29.47
C LEU A 276 -7.04 -8.35 28.95
N CYS A 277 -7.20 -7.81 27.74
CA CYS A 277 -6.38 -6.70 27.26
C CYS A 277 -7.08 -5.39 27.64
N ARG A 278 -6.37 -4.29 27.45
CA ARG A 278 -6.94 -2.97 27.73
C ARG A 278 -7.75 -2.44 26.55
N LYS A 279 -8.86 -1.77 26.88
CA LYS A 279 -9.67 -1.09 25.88
C LYS A 279 -8.78 -0.14 25.06
N PRO A 280 -9.01 -0.06 23.74
CA PRO A 280 -10.17 -0.59 23.02
C PRO A 280 -10.13 -2.06 22.58
N PHE A 281 -9.16 -2.86 23.04
CA PHE A 281 -9.21 -4.29 22.81
C PHE A 281 -10.46 -4.81 23.53
N GLY A 282 -11.23 -5.65 22.84
CA GLY A 282 -12.37 -6.30 23.44
C GLY A 282 -11.99 -7.65 24.00
N PRO A 283 -12.98 -8.38 24.54
CA PRO A 283 -12.72 -9.70 25.09
C PRO A 283 -12.61 -10.76 24.01
N VAL A 284 -12.01 -11.90 24.36
CA VAL A 284 -12.02 -13.05 23.49
C VAL A 284 -13.46 -13.50 23.30
N ASP A 285 -13.83 -13.82 22.06
CA ASP A 285 -15.15 -14.38 21.78
C ASP A 285 -15.27 -15.73 22.48
N GLU A 286 -16.39 -15.94 23.19
CA GLU A 286 -16.56 -17.15 24.01
C GLU A 286 -16.56 -18.47 23.24
N LYS A 287 -16.88 -18.43 21.95
CA LYS A 287 -16.87 -19.65 21.13
C LYS A 287 -15.47 -20.26 20.96
N TYR A 288 -14.42 -19.45 21.16
CA TYR A 288 -13.04 -19.93 21.06
C TYR A 288 -12.50 -20.52 22.36
N LEU A 289 -13.26 -20.42 23.44
CA LEU A 289 -12.76 -20.86 24.76
C LEU A 289 -12.41 -22.36 24.83
N PRO A 290 -13.29 -23.24 24.31
CA PRO A 290 -12.93 -24.67 24.28
C PRO A 290 -11.59 -24.95 23.60
N GLU A 291 -11.37 -24.35 22.43
CA GLU A 291 -10.11 -24.49 21.70
C GLU A 291 -8.91 -23.98 22.50
N LEU A 292 -9.07 -22.84 23.15
CA LEU A 292 -7.97 -22.23 23.90
C LEU A 292 -7.65 -23.04 25.16
N LYS A 293 -8.68 -23.56 25.82
CA LYS A 293 -8.49 -24.45 26.99
C LYS A 293 -7.81 -25.73 26.52
N ALA A 294 -8.34 -26.31 25.45
CA ALA A 294 -7.76 -27.51 24.83
C ALA A 294 -6.28 -27.30 24.50
N LEU A 295 -5.96 -26.13 23.95
CA LEU A 295 -4.57 -25.78 23.65
C LEU A 295 -3.73 -25.69 24.91
N ALA A 296 -4.28 -25.08 25.95
CA ALA A 296 -3.61 -24.97 27.24
C ALA A 296 -3.29 -26.35 27.81
N GLN A 297 -4.24 -27.27 27.70
CA GLN A 297 -4.05 -28.66 28.17
C GLN A 297 -2.97 -29.38 27.34
N GLN A 298 -3.07 -29.26 26.01
CA GLN A 298 -2.07 -29.84 25.11
C GLN A 298 -0.65 -29.39 25.45
N LEU A 299 -0.49 -28.10 25.70
CA LEU A 299 0.85 -27.52 25.90
C LEU A 299 1.50 -27.95 27.22
N MET A 300 0.70 -28.08 28.28
CA MET A 300 1.23 -28.53 29.58
C MET A 300 1.62 -30.01 29.55
N GLN A 301 0.85 -30.81 28.82
CA GLN A 301 1.09 -32.25 28.72
C GLN A 301 2.37 -32.55 27.94
N GLU A 302 2.65 -31.80 26.88
CA GLU A 302 3.92 -31.97 26.12
C GLU A 302 5.09 -31.39 26.92
N ARG A 303 4.79 -30.42 27.78
CA ARG A 303 5.79 -29.76 28.63
C ARG A 303 6.06 -30.61 29.88
N GLY A 304 5.10 -30.64 30.81
CA GLY A 304 5.26 -31.34 32.08
C GLY A 304 5.08 -32.84 31.96
N ALA B 9 -2.62 22.87 -28.67
CA ALA B 9 -3.48 21.76 -28.16
C ALA B 9 -4.86 22.23 -27.69
N THR B 10 -5.05 23.55 -27.58
CA THR B 10 -6.29 24.17 -27.07
C THR B 10 -7.61 23.57 -27.62
N ASN B 11 -7.61 23.17 -28.90
CA ASN B 11 -8.79 22.55 -29.53
C ASN B 11 -9.11 21.13 -29.01
N LEU B 12 -8.21 20.55 -28.24
CA LEU B 12 -8.45 19.26 -27.56
C LEU B 12 -9.22 19.39 -26.24
N ARG B 13 -9.43 20.62 -25.79
CA ARG B 13 -10.11 20.89 -24.53
C ARG B 13 -11.58 20.48 -24.58
N GLY B 14 -12.06 19.74 -23.59
CA GLY B 14 -13.48 19.40 -23.53
C GLY B 14 -13.86 18.11 -22.85
N VAL B 15 -15.11 17.70 -23.07
CA VAL B 15 -15.68 16.52 -22.45
C VAL B 15 -15.73 15.43 -23.52
N MET B 16 -14.96 14.36 -23.32
CA MET B 16 -14.78 13.29 -24.31
C MET B 16 -15.21 11.95 -23.73
N ALA B 17 -16.10 11.23 -24.39
CA ALA B 17 -16.50 9.92 -23.89
C ALA B 17 -15.40 8.88 -24.14
N ALA B 18 -15.07 8.11 -23.11
CA ALA B 18 -14.19 6.95 -23.25
C ALA B 18 -15.04 5.84 -23.86
N LEU B 19 -14.90 5.65 -25.16
CA LEU B 19 -15.81 4.79 -25.92
C LEU B 19 -15.69 3.33 -25.51
N LEU B 20 -16.83 2.69 -25.31
CA LEU B 20 -16.89 1.24 -25.07
C LEU B 20 -16.77 0.51 -26.39
N THR B 21 -16.35 -0.75 -26.33
CA THR B 21 -16.28 -1.62 -27.53
C THR B 21 -17.37 -2.67 -27.49
N PRO B 22 -18.44 -2.51 -28.29
CA PRO B 22 -19.50 -3.53 -28.25
C PRO B 22 -19.04 -4.83 -28.88
N PHE B 23 -19.48 -5.95 -28.33
CA PHE B 23 -19.13 -7.25 -28.86
C PHE B 23 -20.40 -8.02 -29.16
N ASP B 24 -20.32 -8.97 -30.07
CA ASP B 24 -21.47 -9.84 -30.38
C ASP B 24 -21.50 -11.05 -29.45
N GLN B 25 -22.46 -11.95 -29.66
CA GLN B 25 -22.63 -13.11 -28.78
C GLN B 25 -21.40 -14.01 -28.73
N GLN B 26 -20.57 -13.97 -29.77
CA GLN B 26 -19.33 -14.77 -29.84
C GLN B 26 -18.08 -13.97 -29.41
N GLN B 27 -18.29 -12.78 -28.82
CA GLN B 27 -17.20 -11.91 -28.32
C GLN B 27 -16.34 -11.27 -29.41
N ALA B 28 -16.82 -11.28 -30.66
CA ALA B 28 -16.16 -10.57 -31.74
C ALA B 28 -16.73 -9.16 -31.78
N LEU B 29 -16.02 -8.25 -32.44
CA LEU B 29 -16.51 -6.88 -32.57
C LEU B 29 -17.88 -6.89 -33.24
N ASP B 30 -18.83 -6.18 -32.60
CA ASP B 30 -20.16 -5.93 -33.17
C ASP B 30 -20.06 -4.55 -33.83
N LYS B 31 -19.71 -4.55 -35.12
CA LYS B 31 -19.46 -3.31 -35.85
C LYS B 31 -20.70 -2.41 -35.90
N ALA B 32 -21.89 -3.00 -36.07
CA ALA B 32 -23.11 -2.20 -36.17
C ALA B 32 -23.40 -1.45 -34.87
N SER B 33 -23.22 -2.13 -33.73
CA SER B 33 -23.43 -1.50 -32.41
C SER B 33 -22.37 -0.43 -32.15
N LEU B 34 -21.14 -0.68 -32.58
CA LEU B 34 -20.09 0.32 -32.48
C LEU B 34 -20.49 1.61 -33.20
N ARG B 35 -20.90 1.47 -34.47
CA ARG B 35 -21.38 2.61 -35.23
C ARG B 35 -22.53 3.33 -34.51
N ARG B 36 -23.49 2.56 -33.99
CA ARG B 36 -24.62 3.13 -33.24
C ARG B 36 -24.17 3.89 -32.00
N LEU B 37 -23.18 3.34 -31.30
CA LEU B 37 -22.67 3.98 -30.08
C LEU B 37 -21.97 5.29 -30.40
N VAL B 38 -21.22 5.32 -31.49
CA VAL B 38 -20.50 6.53 -31.91
C VAL B 38 -21.49 7.67 -32.22
N GLN B 39 -22.54 7.35 -32.98
CA GLN B 39 -23.58 8.31 -33.31
C GLN B 39 -24.36 8.76 -32.08
N PHE B 40 -24.69 7.80 -31.21
CA PHE B 40 -25.37 8.09 -29.95
C PHE B 40 -24.59 9.12 -29.13
N ASN B 41 -23.28 8.96 -29.06
CA ASN B 41 -22.43 9.93 -28.36
C ASN B 41 -22.45 11.32 -29.01
N ILE B 42 -22.36 11.37 -30.34
CA ILE B 42 -22.39 12.66 -31.06
C ILE B 42 -23.71 13.41 -30.78
N GLN B 43 -24.80 12.66 -30.73
CA GLN B 43 -26.14 13.24 -30.50
C GLN B 43 -26.35 13.70 -29.05
N GLN B 44 -25.57 13.17 -28.11
CA GLN B 44 -25.58 13.69 -26.75
C GLN B 44 -24.88 15.05 -26.61
N GLY B 45 -24.10 15.44 -27.62
CA GLY B 45 -23.39 16.73 -27.61
C GLY B 45 -22.02 16.64 -26.98
N ILE B 46 -21.43 15.45 -27.01
CA ILE B 46 -20.08 15.22 -26.50
C ILE B 46 -19.11 15.98 -27.40
N ASP B 47 -17.99 16.45 -26.86
CA ASP B 47 -17.01 17.17 -27.67
C ASP B 47 -16.13 16.23 -28.51
N GLY B 48 -16.05 14.98 -28.10
CA GLY B 48 -15.15 14.04 -28.74
C GLY B 48 -15.21 12.65 -28.16
N LEU B 49 -14.41 11.76 -28.73
CA LEU B 49 -14.32 10.37 -28.28
C LEU B 49 -12.86 9.96 -28.06
N TYR B 50 -12.64 9.21 -26.98
CA TYR B 50 -11.34 8.65 -26.64
C TYR B 50 -11.49 7.16 -26.88
N VAL B 51 -10.82 6.66 -27.91
CA VAL B 51 -11.12 5.34 -28.47
C VAL B 51 -10.02 4.33 -28.17
N GLY B 52 -10.41 3.13 -27.76
CA GLY B 52 -9.44 2.06 -27.45
C GLY B 52 -8.67 2.27 -26.14
N GLY B 53 -9.29 2.96 -25.20
CA GLY B 53 -8.72 3.17 -23.86
C GLY B 53 -9.06 2.00 -22.95
N SER B 54 -8.87 2.20 -21.64
CA SER B 54 -9.23 1.20 -20.65
C SER B 54 -10.69 0.76 -20.83
N THR B 55 -11.56 1.77 -20.94
CA THR B 55 -13.00 1.58 -21.10
C THR B 55 -13.34 0.81 -22.37
N GLY B 56 -12.53 0.99 -23.41
CA GLY B 56 -12.70 0.30 -24.67
C GLY B 56 -12.30 -1.17 -24.65
N GLU B 57 -11.88 -1.68 -23.48
CA GLU B 57 -11.37 -3.04 -23.32
C GLU B 57 -10.19 -3.33 -24.24
N ALA B 58 -9.35 -2.31 -24.42
CA ALA B 58 -8.17 -2.40 -25.27
C ALA B 58 -7.25 -3.58 -24.92
N PHE B 59 -7.10 -3.84 -23.62
CA PHE B 59 -6.07 -4.77 -23.16
C PHE B 59 -6.52 -6.24 -23.22
N VAL B 60 -7.79 -6.45 -23.61
CA VAL B 60 -8.27 -7.78 -24.06
C VAL B 60 -8.54 -7.84 -25.58
N GLN B 61 -7.92 -6.95 -26.34
CA GLN B 61 -8.02 -6.96 -27.80
C GLN B 61 -6.66 -7.11 -28.44
N SER B 62 -6.63 -7.69 -29.65
CA SER B 62 -5.43 -7.72 -30.46
C SER B 62 -5.21 -6.35 -31.09
N LEU B 63 -4.00 -6.12 -31.60
CA LEU B 63 -3.69 -4.87 -32.29
C LEU B 63 -4.57 -4.69 -33.51
N SER B 64 -4.82 -5.78 -34.24
CA SER B 64 -5.66 -5.67 -35.45
C SER B 64 -7.09 -5.31 -35.05
N GLU B 65 -7.58 -5.87 -33.96
CA GLU B 65 -8.92 -5.54 -33.50
C GLU B 65 -9.01 -4.07 -33.08
N ARG B 66 -7.99 -3.60 -32.38
CA ARG B 66 -7.95 -2.18 -31.99
C ARG B 66 -7.91 -1.25 -33.22
N GLU B 67 -7.14 -1.63 -34.24
CA GLU B 67 -7.08 -0.84 -35.48
C GLU B 67 -8.42 -0.78 -36.19
N GLN B 68 -9.12 -1.90 -36.17
CA GLN B 68 -10.45 -2.03 -36.77
C GLN B 68 -11.45 -1.08 -36.13
N VAL B 69 -11.40 -1.00 -34.80
CA VAL B 69 -12.26 -0.07 -34.07
C VAL B 69 -11.90 1.38 -34.40
N LEU B 70 -10.61 1.68 -34.42
CA LEU B 70 -10.16 3.03 -34.74
C LEU B 70 -10.61 3.47 -36.14
N GLU B 71 -10.43 2.57 -37.11
CA GLU B 71 -10.79 2.85 -38.51
C GLU B 71 -12.26 3.19 -38.63
N ILE B 72 -13.10 2.35 -38.02
CA ILE B 72 -14.55 2.53 -38.07
C ILE B 72 -15.03 3.80 -37.37
N VAL B 73 -14.52 4.07 -36.17
CA VAL B 73 -14.91 5.29 -35.47
C VAL B 73 -14.56 6.54 -36.29
N ALA B 74 -13.38 6.54 -36.91
CA ALA B 74 -12.99 7.61 -37.83
C ALA B 74 -13.98 7.73 -39.01
N GLU B 75 -14.42 6.60 -39.55
CA GLU B 75 -15.47 6.60 -40.60
C GLU B 75 -16.71 7.33 -40.10
N GLU B 76 -17.16 6.97 -38.90
CA GLU B 76 -18.39 7.52 -38.35
C GLU B 76 -18.36 8.99 -37.98
N ALA B 77 -17.21 9.46 -37.48
CA ALA B 77 -17.17 10.68 -36.67
C ALA B 77 -16.09 11.70 -37.04
N LYS B 78 -15.15 11.32 -37.89
CA LYS B 78 -14.10 12.25 -38.31
C LYS B 78 -14.75 13.49 -38.93
N GLY B 79 -14.24 14.66 -38.56
CA GLY B 79 -14.83 15.93 -38.97
C GLY B 79 -15.93 16.47 -38.05
N LYS B 80 -16.67 15.59 -37.38
CA LYS B 80 -17.83 15.99 -36.58
C LYS B 80 -17.49 16.29 -35.12
N ILE B 81 -16.60 15.48 -34.55
CA ILE B 81 -16.10 15.66 -33.19
C ILE B 81 -14.61 15.34 -33.13
N LYS B 82 -13.98 15.61 -31.99
CA LYS B 82 -12.56 15.33 -31.84
C LYS B 82 -12.39 13.83 -31.59
N LEU B 83 -11.30 13.27 -32.09
CA LEU B 83 -11.03 11.84 -31.95
C LEU B 83 -9.63 11.63 -31.42
N ILE B 84 -9.55 11.00 -30.26
CA ILE B 84 -8.28 10.69 -29.64
C ILE B 84 -8.13 9.17 -29.65
N ALA B 85 -7.01 8.71 -30.17
CA ALA B 85 -6.71 7.28 -30.30
C ALA B 85 -5.83 6.82 -29.16
N HIS B 86 -6.37 6.03 -28.23
CA HIS B 86 -5.49 5.43 -27.24
C HIS B 86 -4.78 4.22 -27.87
N VAL B 87 -3.48 4.39 -28.06
CA VAL B 87 -2.62 3.44 -28.75
C VAL B 87 -1.68 2.71 -27.79
N GLY B 88 -1.84 2.95 -26.49
CA GLY B 88 -0.93 2.39 -25.50
C GLY B 88 -0.98 0.89 -25.34
N CYS B 89 0.20 0.28 -25.34
CA CYS B 89 0.44 -1.12 -24.99
C CYS B 89 1.60 -1.15 -24.01
N VAL B 90 1.88 -2.31 -23.43
CA VAL B 90 3.10 -2.48 -22.66
C VAL B 90 4.30 -2.28 -23.59
N SER B 91 4.26 -2.96 -24.73
CA SER B 91 5.31 -2.86 -25.74
C SER B 91 5.32 -1.50 -26.45
N THR B 92 6.50 -0.91 -26.59
CA THR B 92 6.64 0.37 -27.31
C THR B 92 6.33 0.17 -28.79
N ALA B 93 6.98 -0.84 -29.38
CA ALA B 93 6.77 -1.19 -30.79
C ALA B 93 5.30 -1.39 -31.15
N GLU B 94 4.55 -2.11 -30.31
CA GLU B 94 3.12 -2.28 -30.55
C GLU B 94 2.38 -0.94 -30.47
N SER B 95 2.74 -0.13 -29.47
CA SER B 95 2.17 1.21 -29.30
C SER B 95 2.42 2.09 -30.54
N GLN B 96 3.63 1.98 -31.12
CA GLN B 96 3.99 2.72 -32.33
C GLN B 96 3.13 2.33 -33.54
N GLN B 97 2.83 1.03 -33.66
CA GLN B 97 2.01 0.53 -34.76
C GLN B 97 0.65 1.20 -34.74
N LEU B 98 0.04 1.23 -33.56
CA LEU B 98 -1.29 1.79 -33.41
C LEU B 98 -1.27 3.30 -33.64
N ALA B 99 -0.19 3.96 -33.20
CA ALA B 99 0.00 5.38 -33.43
C ALA B 99 0.07 5.68 -34.94
N ALA B 100 0.85 4.90 -35.66
CA ALA B 100 0.94 5.05 -37.13
C ALA B 100 -0.43 4.86 -37.79
N SER B 101 -1.21 3.90 -37.30
CA SER B 101 -2.55 3.65 -37.83
C SER B 101 -3.52 4.82 -37.53
N ALA B 102 -3.46 5.32 -36.31
CA ALA B 102 -4.26 6.49 -35.91
C ALA B 102 -4.05 7.66 -36.86
N LYS B 103 -2.77 7.93 -37.16
CA LYS B 103 -2.38 8.95 -38.14
C LYS B 103 -3.03 8.68 -39.50
N ARG B 104 -2.87 7.45 -39.99
CA ARG B 104 -3.50 7.03 -41.26
C ARG B 104 -5.02 7.23 -41.28
N TYR B 105 -5.70 6.91 -40.19
CA TYR B 105 -7.16 7.03 -40.16
C TYR B 105 -7.66 8.45 -39.95
N GLY B 106 -6.74 9.36 -39.62
CA GLY B 106 -7.05 10.77 -39.51
C GLY B 106 -7.52 11.22 -38.13
N PHE B 107 -7.02 10.56 -37.07
CA PHE B 107 -7.34 10.95 -35.70
C PHE B 107 -6.69 12.29 -35.36
N ASP B 108 -7.29 13.01 -34.40
CA ASP B 108 -6.78 14.31 -33.99
C ASP B 108 -5.62 14.22 -33.02
N ALA B 109 -5.59 13.15 -32.22
CA ALA B 109 -4.50 12.95 -31.26
C ALA B 109 -4.32 11.48 -30.93
N VAL B 110 -3.18 11.17 -30.32
CA VAL B 110 -2.92 9.85 -29.78
C VAL B 110 -2.80 9.93 -28.26
N SER B 111 -2.89 8.78 -27.61
CA SER B 111 -2.74 8.70 -26.18
C SER B 111 -2.14 7.36 -25.83
N ALA B 112 -1.38 7.33 -24.72
CA ALA B 112 -0.80 6.08 -24.22
C ALA B 112 -0.74 6.07 -22.70
N VAL B 113 -1.27 4.99 -22.13
CA VAL B 113 -1.14 4.70 -20.71
C VAL B 113 0.33 4.42 -20.40
N THR B 114 0.75 4.85 -19.21
CA THR B 114 2.07 4.50 -18.74
C THR B 114 2.19 2.97 -18.83
N PRO B 115 3.24 2.46 -19.50
CA PRO B 115 3.32 1.00 -19.68
C PRO B 115 3.44 0.25 -18.34
N PHE B 116 2.72 -0.86 -18.23
CA PHE B 116 2.45 -1.46 -16.94
C PHE B 116 3.03 -2.88 -16.83
N TYR B 117 2.67 -3.57 -15.75
CA TYR B 117 3.14 -4.91 -15.40
C TYR B 117 4.58 -4.94 -14.94
N TYR B 118 5.51 -4.76 -15.88
CA TYR B 118 6.92 -4.71 -15.51
C TYR B 118 7.25 -3.32 -15.02
N PRO B 119 8.06 -3.22 -13.96
CA PRO B 119 8.48 -1.88 -13.54
C PRO B 119 9.53 -1.34 -14.51
N PHE B 120 9.27 -0.16 -15.05
CA PHE B 120 10.22 0.51 -15.91
C PHE B 120 10.69 1.75 -15.19
N SER B 121 11.92 2.17 -15.47
CA SER B 121 12.44 3.40 -14.89
C SER B 121 11.74 4.59 -15.52
N PHE B 122 11.88 5.76 -14.90
CA PHE B 122 11.24 6.96 -15.44
C PHE B 122 11.79 7.33 -16.81
N GLU B 123 13.09 7.19 -17.02
CA GLU B 123 13.66 7.51 -18.34
C GLU B 123 13.14 6.54 -19.41
N GLU B 124 12.91 5.29 -19.02
CA GLU B 124 12.29 4.31 -19.93
C GLU B 124 10.87 4.72 -20.31
N HIS B 125 10.10 5.21 -19.34
CA HIS B 125 8.79 5.78 -19.63
C HIS B 125 8.92 6.94 -20.62
N CYS B 126 9.87 7.83 -20.37
CA CYS B 126 10.06 8.97 -21.26
C CYS B 126 10.40 8.55 -22.70
N ASP B 127 11.33 7.61 -22.86
CA ASP B 127 11.71 7.10 -24.19
C ASP B 127 10.54 6.45 -24.93
N HIS B 128 9.70 5.75 -24.17
CA HIS B 128 8.48 5.11 -24.65
C HIS B 128 7.56 6.13 -25.28
N TYR B 129 7.29 7.23 -24.57
CA TYR B 129 6.45 8.30 -25.11
C TYR B 129 7.09 9.00 -26.32
N ARG B 130 8.38 9.26 -26.24
CA ARG B 130 9.09 9.88 -27.37
C ARG B 130 8.95 9.02 -28.64
N ALA B 131 9.18 7.72 -28.52
CA ALA B 131 9.05 6.80 -29.66
C ALA B 131 7.63 6.81 -30.24
N ILE B 132 6.62 6.81 -29.38
CA ILE B 132 5.23 6.79 -29.83
C ILE B 132 4.86 8.11 -30.54
N ILE B 133 5.35 9.21 -29.99
CA ILE B 133 5.15 10.54 -30.58
C ILE B 133 5.78 10.62 -31.99
N ASP B 134 6.99 10.09 -32.15
CA ASP B 134 7.62 10.02 -33.46
CA ASP B 134 7.64 9.99 -33.46
C ASP B 134 6.72 9.29 -34.45
N SER B 135 6.24 8.12 -34.05
CA SER B 135 5.34 7.31 -34.89
C SER B 135 3.99 7.96 -35.15
N ALA B 136 3.55 8.81 -34.23
CA ALA B 136 2.31 9.57 -34.39
C ALA B 136 2.40 10.62 -35.52
N ASP B 137 3.61 11.01 -35.89
CA ASP B 137 3.85 11.78 -37.13
C ASP B 137 3.03 13.09 -37.14
N GLY B 138 3.11 13.84 -36.05
CA GLY B 138 2.43 15.14 -35.96
C GLY B 138 1.16 15.18 -35.11
N LEU B 139 0.60 14.01 -34.80
CA LEU B 139 -0.55 13.94 -33.88
C LEU B 139 -0.07 14.20 -32.45
N PRO B 140 -0.70 15.14 -31.73
CA PRO B 140 -0.31 15.38 -30.36
C PRO B 140 -0.60 14.18 -29.45
N MET B 141 0.24 14.06 -28.42
CA MET B 141 0.17 12.97 -27.46
C MET B 141 -0.59 13.42 -26.22
N VAL B 142 -1.55 12.61 -25.79
CA VAL B 142 -2.20 12.75 -24.49
C VAL B 142 -1.62 11.71 -23.54
N VAL B 143 -0.79 12.13 -22.59
CA VAL B 143 -0.27 11.22 -21.56
C VAL B 143 -1.43 10.75 -20.68
N TYR B 144 -1.46 9.45 -20.38
CA TYR B 144 -2.57 8.85 -19.65
C TYR B 144 -2.04 8.25 -18.34
N ASN B 145 -2.39 8.89 -17.23
CA ASN B 145 -1.96 8.53 -15.90
C ASN B 145 -3.12 7.89 -15.14
N ILE B 146 -2.97 6.63 -14.74
CA ILE B 146 -4.00 5.91 -13.98
C ILE B 146 -3.33 4.94 -12.98
N PRO B 147 -2.76 5.50 -11.88
CA PRO B 147 -1.94 4.76 -10.92
C PRO B 147 -2.64 3.54 -10.33
N ALA B 148 -3.94 3.66 -10.08
CA ALA B 148 -4.69 2.58 -9.43
C ALA B 148 -4.65 1.29 -10.25
N LEU B 149 -4.58 1.39 -11.58
CA LEU B 149 -4.57 0.22 -12.47
C LEU B 149 -3.18 -0.07 -13.03
N SER B 150 -2.46 0.98 -13.41
CA SER B 150 -1.13 0.83 -14.01
C SER B 150 -0.05 0.41 -13.01
N GLY B 151 -0.24 0.74 -11.74
CA GLY B 151 0.79 0.46 -10.74
C GLY B 151 1.98 1.42 -10.81
N VAL B 152 1.91 2.40 -11.72
CA VAL B 152 3.03 3.31 -11.92
C VAL B 152 2.76 4.55 -11.08
N LYS B 153 3.70 4.86 -10.19
CA LYS B 153 3.52 5.92 -9.19
C LYS B 153 4.47 7.07 -9.52
N LEU B 154 4.04 7.96 -10.42
CA LEU B 154 4.86 9.09 -10.84
C LEU B 154 4.83 10.22 -9.82
N THR B 155 6.00 10.82 -9.57
CA THR B 155 6.08 12.01 -8.74
C THR B 155 5.55 13.19 -9.56
N LEU B 156 5.26 14.29 -8.88
CA LEU B 156 4.79 15.49 -9.57
C LEU B 156 5.84 15.98 -10.55
N ASP B 157 7.11 15.95 -10.13
CA ASP B 157 8.23 16.34 -11.00
C ASP B 157 8.32 15.48 -12.26
N GLN B 158 8.02 14.20 -12.12
CA GLN B 158 8.04 13.27 -13.25
C GLN B 158 6.87 13.54 -14.19
N ILE B 159 5.72 13.84 -13.63
CA ILE B 159 4.56 14.22 -14.43
C ILE B 159 4.88 15.49 -15.23
N ASN B 160 5.54 16.45 -14.60
CA ASN B 160 5.94 17.71 -15.23
C ASN B 160 6.88 17.51 -16.44
N THR B 161 7.87 16.64 -16.28
CA THR B 161 8.78 16.29 -17.38
C THR B 161 8.02 15.59 -18.51
N LEU B 162 7.12 14.68 -18.17
CA LEU B 162 6.35 13.95 -19.18
C LEU B 162 5.47 14.88 -20.00
N VAL B 163 4.74 15.76 -19.34
CA VAL B 163 3.78 16.61 -20.06
C VAL B 163 4.48 17.77 -20.80
N THR B 164 5.77 17.97 -20.57
CA THR B 164 6.51 18.96 -21.35
C THR B 164 7.37 18.33 -22.46
N LEU B 165 7.26 17.02 -22.69
CA LEU B 165 7.97 16.39 -23.81
C LEU B 165 7.51 16.99 -25.13
N PRO B 166 8.44 17.21 -26.08
CA PRO B 166 8.00 17.68 -27.39
C PRO B 166 6.90 16.78 -27.95
N GLY B 167 5.79 17.37 -28.38
CA GLY B 167 4.68 16.61 -28.95
C GLY B 167 3.54 16.31 -27.98
N VAL B 168 3.75 16.52 -26.66
CA VAL B 168 2.68 16.30 -25.70
C VAL B 168 1.77 17.52 -25.58
N GLY B 169 0.49 17.30 -25.87
CA GLY B 169 -0.52 18.35 -25.81
C GLY B 169 -1.52 18.26 -24.68
N ALA B 170 -1.50 17.18 -23.89
CA ALA B 170 -2.52 16.99 -22.86
C ALA B 170 -2.17 15.90 -21.85
N LEU B 171 -2.93 15.89 -20.75
CA LEU B 171 -2.78 14.86 -19.70
C LEU B 171 -4.16 14.39 -19.33
N KPI B 172 -4.41 13.08 -19.43
CA KPI B 172 -5.60 12.47 -18.86
CB KPI B 172 -6.11 11.28 -19.70
CG KPI B 172 -7.34 10.62 -19.12
CD KPI B 172 -7.82 9.46 -19.98
CE KPI B 172 -8.95 8.70 -19.33
NZ KPI B 172 -9.14 7.44 -20.08
CX1 KPI B 172 -10.18 6.61 -19.88
C1 KPI B 172 -11.41 7.05 -19.12
CX2 KPI B 172 -10.07 5.21 -20.45
O1 KPI B 172 -11.03 4.42 -20.29
O2 KPI B 172 -9.01 4.92 -21.01
C KPI B 172 -5.20 11.99 -17.47
O KPI B 172 -4.43 11.02 -17.32
N GLN B 173 -5.74 12.69 -16.47
CA GLN B 173 -5.36 12.51 -15.08
C GLN B 173 -6.44 11.72 -14.37
N THR B 174 -6.30 10.39 -14.40
CA THR B 174 -7.22 9.51 -13.70
C THR B 174 -6.67 9.27 -12.29
N SER B 175 -6.78 10.31 -11.47
CA SER B 175 -6.35 10.29 -10.08
C SER B 175 -7.32 11.13 -9.25
N GLY B 176 -7.56 10.68 -8.03
CA GLY B 176 -8.43 11.38 -7.09
C GLY B 176 -7.70 12.38 -6.22
N ASP B 177 -6.39 12.55 -6.44
CA ASP B 177 -5.58 13.55 -5.71
C ASP B 177 -5.76 14.94 -6.30
N LEU B 178 -6.64 15.74 -5.73
CA LEU B 178 -6.94 17.06 -6.31
C LEU B 178 -5.99 18.19 -5.85
N TYR B 179 -5.08 17.89 -4.92
CA TYR B 179 -3.92 18.76 -4.67
C TYR B 179 -3.06 18.73 -5.90
N GLN B 180 -2.72 17.52 -6.34
CA GLN B 180 -1.88 17.34 -7.51
C GLN B 180 -2.52 17.91 -8.78
N MET B 181 -3.84 17.75 -8.94
CA MET B 181 -4.56 18.37 -10.08
C MET B 181 -4.28 19.87 -10.10
N GLU B 182 -4.39 20.52 -8.93
CA GLU B 182 -4.16 21.97 -8.84
C GLU B 182 -2.71 22.33 -9.11
N GLN B 183 -1.80 21.54 -8.56
CA GLN B 183 -0.37 21.74 -8.79
C GLN B 183 0.00 21.65 -10.29
N ILE B 184 -0.59 20.68 -10.99
CA ILE B 184 -0.35 20.49 -12.43
C ILE B 184 -0.84 21.71 -13.19
N ARG B 185 -2.06 22.15 -12.92
CA ARG B 185 -2.61 23.36 -13.55
C ARG B 185 -1.73 24.59 -13.29
N ARG B 186 -1.29 24.73 -12.04
CA ARG B 186 -0.45 25.86 -11.66
C ARG B 186 0.90 25.84 -12.37
N GLU B 187 1.48 24.67 -12.53
CA GLU B 187 2.75 24.52 -13.23
C GLU B 187 2.61 24.74 -14.74
N HIS B 188 1.49 24.30 -15.32
CA HIS B 188 1.24 24.33 -16.76
C HIS B 188 -0.07 25.03 -17.07
N PRO B 189 -0.07 26.37 -17.11
CA PRO B 189 -1.35 27.11 -17.26
C PRO B 189 -2.12 26.79 -18.55
N ASP B 190 -1.43 26.41 -19.62
CA ASP B 190 -2.07 26.17 -20.91
C ASP B 190 -2.31 24.69 -21.23
N LEU B 191 -1.87 23.78 -20.36
CA LEU B 191 -2.01 22.34 -20.62
C LEU B 191 -3.47 21.92 -20.66
N VAL B 192 -3.83 21.11 -21.64
CA VAL B 192 -5.16 20.46 -21.63
C VAL B 192 -5.09 19.38 -20.56
N LEU B 193 -6.03 19.41 -19.63
CA LEU B 193 -5.94 18.59 -18.42
C LEU B 193 -7.28 17.93 -18.16
N TYR B 194 -7.39 16.64 -18.48
CA TYR B 194 -8.66 15.93 -18.41
C TYR B 194 -8.83 15.23 -17.07
N ASN B 195 -9.94 15.53 -16.40
CA ASN B 195 -10.36 14.76 -15.22
C ASN B 195 -10.78 13.34 -15.60
N GLY B 196 -10.15 12.36 -14.97
CA GLY B 196 -10.33 10.96 -15.31
C GLY B 196 -11.36 10.18 -14.50
N TYR B 197 -11.56 10.56 -13.24
CA TYR B 197 -12.57 9.89 -12.40
C TYR B 197 -13.89 10.64 -12.42
N ASP B 198 -14.89 10.04 -13.05
CA ASP B 198 -16.20 10.67 -13.25
C ASP B 198 -16.86 11.17 -11.96
N ASN B 199 -16.63 10.44 -10.87
CA ASN B 199 -17.32 10.69 -9.61
C ASN B 199 -16.75 11.87 -8.79
N ILE B 200 -15.76 12.56 -9.33
CA ILE B 200 -15.28 13.82 -8.74
C ILE B 200 -15.17 14.93 -9.79
N PHE B 201 -15.87 14.77 -10.91
CA PHE B 201 -15.71 15.67 -12.06
C PHE B 201 -15.85 17.16 -11.67
N ALA B 202 -16.95 17.50 -11.00
CA ALA B 202 -17.18 18.90 -10.59
C ALA B 202 -16.01 19.41 -9.76
N SER B 203 -15.56 18.59 -8.80
CA SER B 203 -14.44 18.95 -7.92
C SER B 203 -13.13 19.02 -8.67
N GLY B 204 -12.95 18.15 -9.67
CA GLY B 204 -11.73 18.13 -10.46
C GLY B 204 -11.62 19.38 -11.34
N LEU B 205 -12.74 19.76 -11.95
CA LEU B 205 -12.78 21.02 -12.69
C LEU B 205 -12.39 22.21 -11.79
N LEU B 206 -12.93 22.22 -10.57
CA LEU B 206 -12.67 23.31 -9.61
C LEU B 206 -11.20 23.35 -9.23
N ALA B 207 -10.56 22.18 -9.15
CA ALA B 207 -9.14 22.10 -8.82
C ALA B 207 -8.23 22.53 -9.96
N GLY B 208 -8.72 22.53 -11.20
CA GLY B 208 -7.91 22.96 -12.34
C GLY B 208 -8.06 22.20 -13.66
N ALA B 209 -8.76 21.06 -13.64
CA ALA B 209 -9.06 20.33 -14.89
C ALA B 209 -9.87 21.24 -15.80
N ASP B 210 -9.66 21.15 -17.11
CA ASP B 210 -10.46 21.97 -18.04
C ASP B 210 -11.34 21.12 -18.97
N GLY B 211 -11.61 19.91 -18.53
CA GLY B 211 -12.49 18.98 -19.22
C GLY B 211 -12.34 17.61 -18.60
N GLY B 212 -12.81 16.59 -19.30
CA GLY B 212 -12.70 15.24 -18.79
C GLY B 212 -12.79 14.19 -19.88
N ILE B 213 -12.33 13.00 -19.53
CA ILE B 213 -12.49 11.79 -20.34
C ILE B 213 -13.03 10.74 -19.40
N GLY B 214 -14.14 10.11 -19.74
CA GLY B 214 -14.75 9.15 -18.85
C GLY B 214 -15.68 8.14 -19.49
N SER B 215 -15.80 6.99 -18.81
CA SER B 215 -16.61 5.88 -19.24
C SER B 215 -18.12 6.16 -19.15
N THR B 216 -18.58 6.87 -18.13
CA THR B 216 -20.01 7.05 -17.94
C THR B 216 -20.62 8.13 -18.87
N TYR B 217 -19.76 8.86 -19.57
CA TYR B 217 -20.21 9.88 -20.56
C TYR B 217 -20.97 9.22 -21.73
N ASN B 218 -20.73 7.93 -21.94
CA ASN B 218 -21.47 7.14 -22.96
C ASN B 218 -22.97 7.14 -22.73
N ILE B 219 -23.42 7.14 -21.47
CA ILE B 219 -24.87 7.14 -21.16
C ILE B 219 -25.44 8.46 -20.61
N MET B 220 -24.59 9.40 -20.20
CA MET B 220 -25.09 10.67 -19.63
C MET B 220 -24.09 11.84 -19.78
N GLY B 221 -23.44 11.87 -20.93
CA GLY B 221 -22.46 12.91 -21.27
C GLY B 221 -22.98 14.34 -21.15
N TRP B 222 -24.29 14.51 -21.38
CA TRP B 222 -24.92 15.83 -21.23
C TRP B 222 -24.93 16.32 -19.78
N ARG B 223 -24.89 15.41 -18.81
CA ARG B 223 -24.82 15.83 -17.41
C ARG B 223 -23.47 16.49 -17.13
N TYR B 224 -22.41 15.91 -17.68
CA TYR B 224 -21.06 16.47 -17.49
C TYR B 224 -20.86 17.77 -18.26
N GLN B 225 -21.43 17.86 -19.45
CA GLN B 225 -21.49 19.14 -20.15
C GLN B 225 -22.25 20.15 -19.29
N GLY B 226 -23.33 19.69 -18.65
CA GLY B 226 -24.12 20.54 -17.76
C GLY B 226 -23.33 21.06 -16.57
N ILE B 227 -22.43 20.22 -16.03
CA ILE B 227 -21.57 20.63 -14.92
C ILE B 227 -20.58 21.70 -15.36
N VAL B 228 -19.99 21.52 -16.53
CA VAL B 228 -19.09 22.54 -17.11
C VAL B 228 -19.81 23.89 -17.27
N LYS B 229 -21.02 23.85 -17.83
CA LYS B 229 -21.85 25.06 -18.02
C LYS B 229 -22.19 25.76 -16.71
N ALA B 230 -22.69 24.97 -15.74
CA ALA B 230 -23.09 25.48 -14.43
C ALA B 230 -21.92 26.15 -13.73
N LEU B 231 -20.76 25.51 -13.75
CA LEU B 231 -19.58 26.10 -13.14
C LEU B 231 -19.17 27.38 -13.87
N LYS B 232 -19.24 27.37 -15.20
CA LYS B 232 -18.88 28.56 -15.98
C LYS B 232 -19.76 29.77 -15.61
N GLU B 233 -21.02 29.50 -15.27
CA GLU B 233 -22.00 30.54 -14.95
C GLU B 233 -22.12 30.83 -13.45
N GLY B 234 -21.26 30.20 -12.65
CA GLY B 234 -21.29 30.35 -11.21
C GLY B 234 -22.52 29.75 -10.54
N ASP B 235 -23.16 28.78 -11.19
CA ASP B 235 -24.30 28.10 -10.59
C ASP B 235 -23.85 26.85 -9.84
N ILE B 236 -23.29 27.06 -8.66
CA ILE B 236 -22.63 25.99 -7.92
C ILE B 236 -23.65 24.90 -7.53
N GLN B 237 -24.85 25.31 -7.10
CA GLN B 237 -25.88 24.36 -6.71
C GLN B 237 -26.29 23.40 -7.82
N THR B 238 -26.44 23.92 -9.03
CA THR B 238 -26.75 23.09 -10.20
C THR B 238 -25.60 22.12 -10.48
N ALA B 239 -24.37 22.61 -10.38
CA ALA B 239 -23.18 21.76 -10.55
C ALA B 239 -23.18 20.61 -9.54
N GLN B 240 -23.38 20.94 -8.28
CA GLN B 240 -23.43 19.93 -7.22
C GLN B 240 -24.56 18.92 -7.42
N LYS B 241 -25.72 19.41 -7.83
CA LYS B 241 -26.89 18.58 -8.07
C LYS B 241 -26.60 17.57 -9.19
N LEU B 242 -25.97 18.05 -10.26
CA LEU B 242 -25.63 17.19 -11.39
C LEU B 242 -24.59 16.16 -11.00
N GLN B 243 -23.58 16.58 -10.25
CA GLN B 243 -22.54 15.65 -9.81
C GLN B 243 -23.16 14.55 -8.93
N THR B 244 -24.10 14.95 -8.08
CA THR B 244 -24.81 14.04 -7.19
C THR B 244 -25.61 13.02 -7.97
N GLU B 245 -26.32 13.47 -9.00
CA GLU B 245 -27.07 12.56 -9.87
C GLU B 245 -26.13 11.61 -10.62
N CYS B 246 -25.00 12.11 -11.11
CA CYS B 246 -23.97 11.26 -11.70
C CYS B 246 -23.45 10.23 -10.70
N ASN B 247 -23.28 10.62 -9.44
CA ASN B 247 -22.70 9.71 -8.45
C ASN B 247 -23.70 8.64 -8.02
N LYS B 248 -24.99 8.96 -8.02
CA LYS B 248 -26.02 7.94 -7.78
C LYS B 248 -25.93 6.81 -8.81
N VAL B 249 -25.66 7.19 -10.06
CA VAL B 249 -25.52 6.24 -11.18
C VAL B 249 -24.20 5.48 -11.04
N ILE B 250 -23.13 6.19 -10.70
CA ILE B 250 -21.82 5.58 -10.51
C ILE B 250 -21.81 4.56 -9.36
N ASP B 251 -22.53 4.84 -8.27
CA ASP B 251 -22.73 3.86 -7.18
C ASP B 251 -23.29 2.52 -7.72
N LEU B 252 -24.33 2.61 -8.54
CA LEU B 252 -24.93 1.43 -9.16
C LEU B 252 -23.96 0.70 -10.09
N LEU B 253 -23.28 1.45 -10.94
CA LEU B 253 -22.39 0.84 -11.92
C LEU B 253 -21.22 0.17 -11.22
N ILE B 254 -20.74 0.75 -10.13
CA ILE B 254 -19.68 0.08 -9.36
C ILE B 254 -20.19 -1.26 -8.78
N LYS B 255 -21.45 -1.31 -8.33
CA LYS B 255 -22.06 -2.56 -7.85
C LYS B 255 -22.17 -3.59 -8.98
N THR B 256 -22.64 -3.16 -10.14
CA THR B 256 -22.89 -4.09 -11.27
C THR B 256 -21.60 -4.47 -12.02
N GLY B 257 -20.54 -3.69 -11.87
CA GLY B 257 -19.43 -3.69 -12.82
C GLY B 257 -19.70 -2.58 -13.82
N VAL B 258 -18.71 -1.70 -14.01
CA VAL B 258 -18.94 -0.45 -14.73
C VAL B 258 -19.07 -0.63 -16.25
N PHE B 259 -18.15 -1.33 -16.90
CA PHE B 259 -18.25 -1.45 -18.36
C PHE B 259 -19.51 -2.23 -18.76
N ARG B 260 -19.77 -3.33 -18.07
CA ARG B 260 -20.91 -4.19 -18.45
C ARG B 260 -22.25 -3.55 -18.05
N GLY B 261 -22.24 -2.80 -16.94
CA GLY B 261 -23.41 -2.05 -16.52
C GLY B 261 -23.75 -0.97 -17.52
N LEU B 262 -22.72 -0.26 -18.00
CA LEU B 262 -22.90 0.74 -19.04
C LEU B 262 -23.42 0.11 -20.34
N LYS B 263 -22.84 -1.02 -20.72
CA LYS B 263 -23.25 -1.70 -21.94
C LYS B 263 -24.72 -2.16 -21.84
N THR B 264 -25.13 -2.55 -20.65
CA THR B 264 -26.48 -3.04 -20.40
C THR B 264 -27.50 -1.89 -20.47
N VAL B 265 -27.16 -0.76 -19.87
CA VAL B 265 -27.96 0.46 -20.02
C VAL B 265 -28.09 0.85 -21.51
N LEU B 266 -26.99 0.82 -22.25
CA LEU B 266 -27.01 1.15 -23.67
C LEU B 266 -27.83 0.14 -24.48
N HIS B 267 -27.87 -1.12 -24.02
CA HIS B 267 -28.70 -2.17 -24.62
C HIS B 267 -30.19 -1.86 -24.45
N TYR B 268 -30.58 -1.39 -23.27
CA TYR B 268 -31.97 -0.98 -23.01
C TYR B 268 -32.31 0.36 -23.67
N MET B 269 -31.30 1.06 -24.16
CA MET B 269 -31.44 2.29 -24.95
CA MET B 269 -31.51 2.27 -24.94
C MET B 269 -31.43 2.00 -26.45
N ASP B 270 -31.45 0.72 -26.82
CA ASP B 270 -31.44 0.24 -28.22
C ASP B 270 -30.20 0.60 -29.02
N VAL B 271 -29.08 0.78 -28.32
CA VAL B 271 -27.83 1.10 -28.98
C VAL B 271 -26.94 -0.15 -29.13
N VAL B 272 -26.83 -0.96 -28.08
CA VAL B 272 -25.93 -2.12 -28.06
C VAL B 272 -26.70 -3.43 -28.11
N SER B 273 -26.51 -4.23 -29.16
CA SER B 273 -27.26 -5.49 -29.32
C SER B 273 -27.00 -6.50 -28.20
N VAL B 274 -25.73 -6.71 -27.86
CA VAL B 274 -25.35 -7.70 -26.85
C VAL B 274 -24.39 -7.01 -25.87
N PRO B 275 -24.78 -6.86 -24.61
CA PRO B 275 -24.06 -6.01 -23.64
C PRO B 275 -22.95 -6.73 -22.88
N LEU B 276 -22.22 -7.62 -23.55
CA LEU B 276 -21.18 -8.41 -22.91
C LEU B 276 -19.83 -7.71 -22.99
N CYS B 277 -19.03 -7.86 -21.93
CA CYS B 277 -17.59 -7.60 -21.98
C CYS B 277 -16.84 -8.89 -22.33
N ARG B 278 -15.56 -8.77 -22.65
CA ARG B 278 -14.75 -9.93 -22.98
C ARG B 278 -14.22 -10.67 -21.76
N LYS B 279 -14.22 -12.00 -21.84
CA LYS B 279 -13.68 -12.84 -20.76
C LYS B 279 -12.25 -12.38 -20.50
N PRO B 280 -11.82 -12.33 -19.23
CA PRO B 280 -12.48 -12.88 -18.05
C PRO B 280 -13.56 -12.05 -17.35
N PHE B 281 -13.96 -10.91 -17.91
CA PHE B 281 -15.15 -10.23 -17.41
C PHE B 281 -16.33 -11.19 -17.52
N GLY B 282 -17.12 -11.28 -16.46
CA GLY B 282 -18.33 -12.08 -16.48
C GLY B 282 -19.53 -11.22 -16.85
N PRO B 283 -20.70 -11.84 -16.91
CA PRO B 283 -21.95 -11.11 -17.20
C PRO B 283 -22.43 -10.31 -15.98
N VAL B 284 -23.37 -9.40 -16.21
CA VAL B 284 -24.03 -8.71 -15.11
C VAL B 284 -24.91 -9.71 -14.37
N ASP B 285 -24.89 -9.66 -13.03
CA ASP B 285 -25.79 -10.45 -12.22
C ASP B 285 -27.22 -10.03 -12.56
N GLU B 286 -28.09 -11.01 -12.76
CA GLU B 286 -29.45 -10.75 -13.26
C GLU B 286 -30.34 -9.99 -12.28
N LYS B 287 -29.97 -10.03 -11.00
CA LYS B 287 -30.71 -9.30 -9.96
C LYS B 287 -30.55 -7.76 -10.06
N TYR B 288 -29.54 -7.30 -10.79
CA TYR B 288 -29.37 -5.85 -11.03
C TYR B 288 -30.09 -5.36 -12.29
N LEU B 289 -30.70 -6.26 -13.04
CA LEU B 289 -31.31 -5.88 -14.32
C LEU B 289 -32.48 -4.89 -14.18
N PRO B 290 -33.34 -5.09 -13.18
CA PRO B 290 -34.41 -4.09 -12.97
C PRO B 290 -33.87 -2.65 -12.75
N GLU B 291 -32.84 -2.52 -11.92
CA GLU B 291 -32.21 -1.21 -11.68
C GLU B 291 -31.62 -0.58 -12.93
N LEU B 292 -30.93 -1.38 -13.74
CA LEU B 292 -30.31 -0.89 -14.97
C LEU B 292 -31.38 -0.54 -15.99
N LYS B 293 -32.45 -1.33 -16.03
CA LYS B 293 -33.59 -1.04 -16.89
C LYS B 293 -34.25 0.26 -16.48
N ALA B 294 -34.56 0.39 -15.20
CA ALA B 294 -35.11 1.65 -14.66
C ALA B 294 -34.21 2.83 -15.03
N LEU B 295 -32.88 2.66 -14.86
CA LEU B 295 -31.92 3.70 -15.21
C LEU B 295 -31.94 4.13 -16.68
N ALA B 296 -32.03 3.17 -17.60
CA ALA B 296 -32.08 3.51 -19.02
C ALA B 296 -33.34 4.32 -19.33
N GLN B 297 -34.46 3.91 -18.75
CA GLN B 297 -35.74 4.59 -18.96
C GLN B 297 -35.70 6.02 -18.43
N GLN B 298 -35.14 6.17 -17.23
CA GLN B 298 -35.01 7.49 -16.62
C GLN B 298 -34.16 8.40 -17.50
N LEU B 299 -33.01 7.90 -17.96
CA LEU B 299 -32.10 8.72 -18.78
C LEU B 299 -32.70 9.06 -20.14
N MET B 300 -33.46 8.15 -20.73
CA MET B 300 -34.14 8.40 -22.02
C MET B 300 -35.28 9.41 -21.85
N GLN B 301 -36.01 9.30 -20.75
CA GLN B 301 -37.07 10.24 -20.42
C GLN B 301 -36.49 11.60 -20.06
N GLU B 302 -35.26 11.62 -19.54
CA GLU B 302 -34.57 12.87 -19.19
C GLU B 302 -34.22 13.72 -20.43
N ARG B 303 -34.41 13.15 -21.63
CA ARG B 303 -34.17 13.87 -22.88
C ARG B 303 -35.11 13.36 -23.98
N ALA C 9 0.55 -35.07 -9.70
CA ALA C 9 1.47 -34.30 -10.60
C ALA C 9 2.92 -34.29 -10.08
N THR C 10 3.25 -35.22 -9.18
CA THR C 10 4.62 -35.40 -8.64
C THR C 10 5.73 -35.23 -9.66
N ASN C 11 5.47 -35.61 -10.92
CA ASN C 11 6.45 -35.48 -11.98
C ASN C 11 6.85 -34.02 -12.28
N LEU C 12 6.06 -33.05 -11.85
CA LEU C 12 6.38 -31.63 -12.06
C LEU C 12 7.22 -31.00 -10.93
N ARG C 13 7.45 -31.76 -9.87
CA ARG C 13 8.27 -31.30 -8.74
CA ARG C 13 8.26 -31.31 -8.74
C ARG C 13 9.70 -31.05 -9.20
N GLY C 14 10.27 -29.91 -8.83
CA GLY C 14 11.67 -29.64 -9.16
C GLY C 14 12.11 -28.19 -9.30
N VAL C 15 13.28 -28.02 -9.87
CA VAL C 15 13.90 -26.71 -10.09
C VAL C 15 13.87 -26.40 -11.58
N MET C 16 13.02 -25.43 -11.95
CA MET C 16 12.73 -25.11 -13.34
C MET C 16 13.15 -23.68 -13.67
N ALA C 17 13.96 -23.50 -14.70
CA ALA C 17 14.38 -22.16 -15.07
C ALA C 17 13.24 -21.47 -15.80
N ALA C 18 12.96 -20.22 -15.41
CA ALA C 18 12.03 -19.37 -16.15
C ALA C 18 12.82 -18.80 -17.31
N LEU C 19 12.60 -19.39 -18.48
CA LEU C 19 13.45 -19.17 -19.64
C LEU C 19 13.34 -17.74 -20.14
N LEU C 20 14.49 -17.14 -20.41
CA LEU C 20 14.53 -15.83 -21.05
C LEU C 20 14.24 -16.00 -22.55
N THR C 21 13.68 -14.98 -23.18
CA THR C 21 13.49 -14.91 -24.64
C THR C 21 14.51 -13.98 -25.27
N PRO C 22 15.50 -14.56 -25.99
CA PRO C 22 16.48 -13.72 -26.67
C PRO C 22 15.93 -12.90 -27.85
N PHE C 23 16.40 -11.66 -27.95
CA PHE C 23 16.06 -10.78 -29.07
C PHE C 23 17.34 -10.26 -29.72
N ASP C 24 17.24 -9.72 -30.93
CA ASP C 24 18.37 -9.09 -31.61
C ASP C 24 18.26 -7.58 -31.53
N GLN C 25 19.22 -6.86 -32.13
CA GLN C 25 19.22 -5.40 -32.09
C GLN C 25 18.06 -4.77 -32.88
N GLN C 26 17.42 -5.56 -33.74
CA GLN C 26 16.18 -5.12 -34.40
C GLN C 26 14.94 -5.36 -33.53
N GLN C 27 15.13 -5.93 -32.34
CA GLN C 27 14.05 -6.32 -31.42
C GLN C 27 13.28 -7.55 -31.91
N ALA C 28 13.78 -8.25 -32.93
CA ALA C 28 13.17 -9.48 -33.38
C ALA C 28 13.62 -10.64 -32.51
N LEU C 29 12.85 -11.73 -32.51
CA LEU C 29 13.27 -12.96 -31.87
C LEU C 29 14.61 -13.41 -32.43
N ASP C 30 15.50 -13.84 -31.54
CA ASP C 30 16.77 -14.45 -31.93
C ASP C 30 16.67 -15.94 -31.66
N LYS C 31 16.26 -16.68 -32.70
CA LYS C 31 15.97 -18.09 -32.57
C LYS C 31 17.22 -18.94 -32.35
N ALA C 32 18.33 -18.54 -32.96
CA ALA C 32 19.59 -19.26 -32.77
C ALA C 32 20.01 -19.21 -31.30
N SER C 33 19.87 -18.03 -30.68
CA SER C 33 20.22 -17.86 -29.26
C SER C 33 19.22 -18.56 -28.35
N LEU C 34 17.94 -18.58 -28.74
CA LEU C 34 16.96 -19.36 -27.99
C LEU C 34 17.34 -20.83 -27.90
N ARG C 35 17.69 -21.44 -29.04
CA ARG C 35 18.07 -22.84 -29.06
CA ARG C 35 18.09 -22.84 -29.07
C ARG C 35 19.30 -23.06 -28.17
N ARG C 36 20.30 -22.20 -28.31
CA ARG C 36 21.50 -22.28 -27.48
C ARG C 36 21.18 -22.16 -25.98
N LEU C 37 20.30 -21.23 -25.61
CA LEU C 37 19.94 -21.04 -24.21
C LEU C 37 19.18 -22.25 -23.68
N VAL C 38 18.32 -22.83 -24.50
CA VAL C 38 17.65 -24.06 -24.11
C VAL C 38 18.69 -25.16 -23.84
N GLN C 39 19.64 -25.34 -24.75
CA GLN C 39 20.63 -26.41 -24.59
C GLN C 39 21.53 -26.19 -23.37
N PHE C 40 21.90 -24.93 -23.14
CA PHE C 40 22.70 -24.52 -21.99
C PHE C 40 22.03 -24.89 -20.66
N ASN C 41 20.73 -24.65 -20.56
CA ASN C 41 19.97 -25.05 -19.37
C ASN C 41 19.96 -26.57 -19.15
N ILE C 42 19.71 -27.33 -20.20
CA ILE C 42 19.72 -28.78 -20.13
C ILE C 42 21.08 -29.28 -19.61
N GLN C 43 22.16 -28.68 -20.09
CA GLN C 43 23.51 -29.07 -19.65
C GLN C 43 23.86 -28.60 -18.22
N GLN C 44 23.19 -27.56 -17.73
CA GLN C 44 23.31 -27.18 -16.32
C GLN C 44 22.68 -28.23 -15.40
N GLY C 45 21.89 -29.14 -15.98
CA GLY C 45 21.20 -30.17 -15.22
C GLY C 45 19.89 -29.70 -14.63
N ILE C 46 19.26 -28.72 -15.29
CA ILE C 46 17.97 -28.19 -14.85
C ILE C 46 16.89 -29.26 -15.01
N ASP C 47 15.88 -29.23 -14.14
CA ASP C 47 14.80 -30.22 -14.19
C ASP C 47 13.77 -29.93 -15.29
N GLY C 48 13.66 -28.66 -15.66
CA GLY C 48 12.68 -28.24 -16.65
C GLY C 48 12.79 -26.76 -16.96
N LEU C 49 11.90 -26.33 -17.86
CA LEU C 49 11.83 -24.95 -18.28
C LEU C 49 10.40 -24.45 -18.23
N TYR C 50 10.25 -23.21 -17.76
CA TYR C 50 8.98 -22.49 -17.71
C TYR C 50 9.12 -21.42 -18.77
N VAL C 51 8.33 -21.53 -19.82
CA VAL C 51 8.59 -20.82 -21.06
C VAL C 51 7.52 -19.75 -21.27
N GLY C 52 7.95 -18.57 -21.70
CA GLY C 52 7.03 -17.48 -22.00
C GLY C 52 6.35 -16.90 -20.76
N GLY C 53 7.06 -16.93 -19.63
CA GLY C 53 6.55 -16.35 -18.39
C GLY C 53 6.90 -14.89 -18.29
N SER C 54 6.89 -14.36 -17.06
CA SER C 54 7.27 -12.97 -16.83
C SER C 54 8.70 -12.77 -17.30
N THR C 55 9.58 -13.66 -16.89
CA THR C 55 11.00 -13.62 -17.24
C THR C 55 11.23 -13.73 -18.75
N GLY C 56 10.36 -14.45 -19.45
CA GLY C 56 10.44 -14.59 -20.90
C GLY C 56 9.91 -13.39 -21.68
N GLU C 57 9.57 -12.32 -20.97
CA GLU C 57 9.00 -11.13 -21.58
C GLU C 57 7.73 -11.39 -22.38
N ALA C 58 6.88 -12.28 -21.88
CA ALA C 58 5.62 -12.61 -22.52
C ALA C 58 4.82 -11.37 -22.93
N PHE C 59 4.78 -10.38 -22.05
CA PHE C 59 3.76 -9.34 -22.16
C PHE C 59 4.19 -8.20 -23.06
N VAL C 60 5.36 -8.35 -23.67
CA VAL C 60 5.78 -7.49 -24.79
C VAL C 60 5.94 -8.30 -26.09
N GLN C 61 5.32 -9.47 -26.17
CA GLN C 61 5.31 -10.28 -27.38
C GLN C 61 3.90 -10.52 -27.86
N SER C 62 3.76 -10.73 -29.17
CA SER C 62 2.49 -11.13 -29.74
C SER C 62 2.23 -12.60 -29.44
N LEU C 63 0.99 -13.05 -29.65
CA LEU C 63 0.66 -14.46 -29.48
C LEU C 63 1.50 -15.34 -30.42
N SER C 64 1.65 -14.90 -31.68
CA SER C 64 2.43 -15.63 -32.67
C SER C 64 3.90 -15.79 -32.23
N GLU C 65 4.50 -14.71 -31.76
CA GLU C 65 5.86 -14.77 -31.25
C GLU C 65 5.98 -15.73 -30.06
N ARG C 66 5.01 -15.67 -29.15
CA ARG C 66 5.00 -16.59 -28.00
C ARG C 66 4.88 -18.05 -28.43
N GLU C 67 4.05 -18.29 -29.45
CA GLU C 67 3.91 -19.62 -30.03
C GLU C 67 5.20 -20.13 -30.69
N GLN C 68 5.85 -19.27 -31.46
CA GLN C 68 7.13 -19.60 -32.12
C GLN C 68 8.18 -20.06 -31.10
N VAL C 69 8.25 -19.35 -29.97
CA VAL C 69 9.20 -19.67 -28.90
C VAL C 69 8.81 -21.00 -28.28
N LEU C 70 7.52 -21.19 -27.98
CA LEU C 70 7.06 -22.46 -27.42
C LEU C 70 7.42 -23.65 -28.31
N GLU C 71 7.16 -23.50 -29.61
CA GLU C 71 7.43 -24.56 -30.58
C GLU C 71 8.92 -24.92 -30.62
N ILE C 72 9.77 -23.91 -30.66
CA ILE C 72 11.21 -24.12 -30.72
C ILE C 72 11.73 -24.81 -29.46
N VAL C 73 11.26 -24.38 -28.31
CA VAL C 73 11.69 -24.99 -27.06
C VAL C 73 11.32 -26.49 -27.01
N ALA C 74 10.08 -26.81 -27.38
CA ALA C 74 9.65 -28.21 -27.47
C ALA C 74 10.55 -29.01 -28.44
N GLU C 75 10.86 -28.43 -29.60
CA GLU C 75 11.75 -29.11 -30.57
C GLU C 75 13.06 -29.47 -29.89
N GLU C 76 13.62 -28.52 -29.15
CA GLU C 76 14.91 -28.69 -28.51
C GLU C 76 14.89 -29.59 -27.28
N ALA C 77 13.80 -29.57 -26.51
CA ALA C 77 13.82 -30.13 -25.16
C ALA C 77 12.76 -31.18 -24.83
N LYS C 78 11.76 -31.37 -25.70
CA LYS C 78 10.69 -32.32 -25.38
C LYS C 78 11.29 -33.70 -25.09
N GLY C 79 10.83 -34.29 -23.98
CA GLY C 79 11.28 -35.62 -23.55
C GLY C 79 12.61 -35.65 -22.80
N LYS C 80 13.37 -34.55 -22.81
CA LYS C 80 14.68 -34.51 -22.15
C LYS C 80 14.57 -33.88 -20.76
N ILE C 81 13.73 -32.86 -20.65
CA ILE C 81 13.41 -32.19 -19.39
C ILE C 81 11.91 -31.83 -19.39
N LYS C 82 11.38 -31.42 -18.23
CA LYS C 82 9.98 -31.06 -18.14
C LYS C 82 9.77 -29.71 -18.78
N LEU C 83 8.62 -29.53 -19.41
CA LEU C 83 8.32 -28.28 -20.10
C LEU C 83 6.95 -27.77 -19.69
N ILE C 84 6.95 -26.55 -19.15
CA ILE C 84 5.74 -25.85 -18.74
C ILE C 84 5.60 -24.60 -19.63
N ALA C 85 4.43 -24.46 -20.24
CA ALA C 85 4.12 -23.35 -21.12
C ALA C 85 3.33 -22.34 -20.33
N HIS C 86 3.92 -21.16 -20.15
CA HIS C 86 3.12 -20.08 -19.60
C HIS C 86 2.32 -19.44 -20.72
N VAL C 87 1.01 -19.68 -20.67
CA VAL C 87 0.08 -19.28 -21.74
C VAL C 87 -0.75 -18.07 -21.33
N GLY C 88 -0.52 -17.56 -20.13
CA GLY C 88 -1.34 -16.50 -19.56
C GLY C 88 -1.33 -15.16 -20.30
N CYS C 89 -2.54 -14.63 -20.52
CA CYS C 89 -2.78 -13.28 -21.01
C CYS C 89 -3.85 -12.64 -20.13
N VAL C 90 -4.11 -11.35 -20.32
CA VAL C 90 -5.28 -10.72 -19.69
C VAL C 90 -6.54 -11.40 -20.24
N SER C 91 -6.59 -11.58 -21.56
CA SER C 91 -7.72 -12.21 -22.22
C SER C 91 -7.75 -13.72 -22.00
N THR C 92 -8.91 -14.23 -21.61
CA THR C 92 -9.13 -15.67 -21.55
C THR C 92 -8.97 -16.33 -22.94
N ALA C 93 -9.54 -15.72 -23.98
CA ALA C 93 -9.51 -16.30 -25.33
C ALA C 93 -8.08 -16.38 -25.87
N GLU C 94 -7.30 -15.35 -25.61
CA GLU C 94 -5.90 -15.37 -26.03
C GLU C 94 -5.15 -16.46 -25.24
N SER C 95 -5.45 -16.59 -23.94
CA SER C 95 -4.79 -17.60 -23.10
C SER C 95 -5.16 -19.00 -23.56
N GLN C 96 -6.40 -19.18 -23.98
CA GLN C 96 -6.87 -20.43 -24.54
C GLN C 96 -6.17 -20.81 -25.87
N GLN C 97 -5.95 -19.83 -26.74
CA GLN C 97 -5.19 -20.08 -27.98
C GLN C 97 -3.78 -20.60 -27.68
N LEU C 98 -3.11 -19.98 -26.72
CA LEU C 98 -1.76 -20.42 -26.36
C LEU C 98 -1.76 -21.79 -25.69
N ALA C 99 -2.77 -22.06 -24.87
CA ALA C 99 -2.91 -23.38 -24.22
C ALA C 99 -3.06 -24.47 -25.29
N ALA C 100 -3.90 -24.21 -26.27
CA ALA C 100 -4.12 -25.19 -27.35
C ALA C 100 -2.81 -25.43 -28.11
N SER C 101 -2.03 -24.39 -28.31
CA SER C 101 -0.74 -24.49 -28.97
C SER C 101 0.28 -25.29 -28.14
N ALA C 102 0.32 -25.03 -26.84
CA ALA C 102 1.19 -25.80 -25.92
C ALA C 102 0.91 -27.30 -26.00
N LYS C 103 -0.37 -27.65 -26.04
CA LYS C 103 -0.82 -29.04 -26.17
C LYS C 103 -0.30 -29.63 -27.49
N ARG C 104 -0.54 -28.91 -28.58
CA ARG C 104 -0.08 -29.34 -29.90
C ARG C 104 1.43 -29.56 -29.93
N TYR C 105 2.19 -28.72 -29.23
CA TYR C 105 3.66 -28.86 -29.23
C TYR C 105 4.19 -29.92 -28.24
N GLY C 106 3.31 -30.54 -27.48
CA GLY C 106 3.69 -31.60 -26.54
C GLY C 106 4.32 -31.15 -25.24
N PHE C 107 3.90 -29.99 -24.73
CA PHE C 107 4.31 -29.56 -23.39
C PHE C 107 3.73 -30.46 -22.31
N ASP C 108 4.41 -30.50 -21.16
CA ASP C 108 3.97 -31.32 -20.03
C ASP C 108 2.89 -30.64 -19.18
N ALA C 109 2.87 -29.31 -19.21
CA ALA C 109 1.92 -28.55 -18.42
C ALA C 109 1.78 -27.15 -18.99
N VAL C 110 0.72 -26.46 -18.58
CA VAL C 110 0.51 -25.06 -18.89
C VAL C 110 0.48 -24.26 -17.58
N SER C 111 0.57 -22.94 -17.72
CA SER C 111 0.55 -22.03 -16.57
C SER C 111 -0.06 -20.70 -17.00
N ALA C 112 -0.73 -20.02 -16.07
CA ALA C 112 -1.29 -18.72 -16.34
C ALA C 112 -1.20 -17.81 -15.11
N VAL C 113 -0.66 -16.61 -15.33
CA VAL C 113 -0.65 -15.57 -14.32
C VAL C 113 -2.11 -15.15 -14.10
N THR C 114 -2.44 -14.80 -12.86
CA THR C 114 -3.73 -14.19 -12.57
C THR C 114 -3.90 -12.98 -13.50
N PRO C 115 -4.98 -12.94 -14.29
CA PRO C 115 -5.09 -11.84 -15.24
C PRO C 115 -5.12 -10.49 -14.52
N PHE C 116 -4.45 -9.51 -15.13
CA PHE C 116 -4.10 -8.26 -14.47
C PHE C 116 -4.70 -7.02 -15.17
N TYR C 117 -4.32 -5.84 -14.69
CA TYR C 117 -4.79 -4.51 -15.14
C TYR C 117 -6.21 -4.23 -14.68
N TYR C 118 -7.20 -4.88 -15.29
CA TYR C 118 -8.59 -4.72 -14.84
C TYR C 118 -8.83 -5.54 -13.58
N PRO C 119 -9.53 -4.97 -12.58
CA PRO C 119 -9.90 -5.78 -11.43
C PRO C 119 -10.93 -6.80 -11.83
N PHE C 120 -10.63 -8.07 -11.60
CA PHE C 120 -11.59 -9.12 -11.83
C PHE C 120 -11.97 -9.69 -10.48
N SER C 121 -13.18 -10.23 -10.37
CA SER C 121 -13.62 -10.89 -9.17
C SER C 121 -12.95 -12.25 -9.07
N PHE C 122 -12.99 -12.82 -7.86
CA PHE C 122 -12.37 -14.11 -7.66
C PHE C 122 -13.05 -15.20 -8.48
N GLU C 123 -14.38 -15.12 -8.61
CA GLU C 123 -15.12 -16.06 -9.47
C GLU C 123 -14.63 -15.96 -10.92
N GLU C 124 -14.35 -14.74 -11.37
CA GLU C 124 -13.88 -14.51 -12.74
C GLU C 124 -12.48 -15.09 -12.96
N HIS C 125 -11.62 -14.99 -11.94
CA HIS C 125 -10.31 -15.66 -11.98
C HIS C 125 -10.48 -17.17 -12.12
N CYS C 126 -11.35 -17.75 -11.31
CA CYS C 126 -11.60 -19.20 -11.34
C CYS C 126 -12.08 -19.63 -12.72
N ASP C 127 -13.02 -18.89 -13.30
CA ASP C 127 -13.57 -19.29 -14.61
C ASP C 127 -12.51 -19.17 -15.69
N HIS C 128 -11.63 -18.18 -15.53
CA HIS C 128 -10.51 -17.98 -16.42
C HIS C 128 -9.62 -19.23 -16.41
N TYR C 129 -9.25 -19.70 -15.21
CA TYR C 129 -8.47 -20.93 -15.08
C TYR C 129 -9.21 -22.15 -15.64
N ARG C 130 -10.51 -22.26 -15.36
CA ARG C 130 -11.29 -23.38 -15.89
C ARG C 130 -11.26 -23.44 -17.41
N ALA C 131 -11.38 -22.27 -18.05
CA ALA C 131 -11.39 -22.18 -19.51
C ALA C 131 -10.03 -22.57 -20.11
N ILE C 132 -8.95 -22.15 -19.45
CA ILE C 132 -7.61 -22.41 -19.97
C ILE C 132 -7.29 -23.90 -19.82
N ILE C 133 -7.70 -24.46 -18.69
CA ILE C 133 -7.55 -25.90 -18.40
C ILE C 133 -8.28 -26.76 -19.45
N ASP C 134 -9.49 -26.36 -19.79
CA ASP C 134 -10.25 -27.03 -20.85
C ASP C 134 -9.51 -27.00 -22.20
N SER C 135 -9.01 -25.83 -22.59
CA SER C 135 -8.26 -25.70 -23.86
C SER C 135 -6.91 -26.44 -23.83
N ALA C 136 -6.35 -26.63 -22.63
CA ALA C 136 -5.11 -27.40 -22.48
C ALA C 136 -5.34 -28.92 -22.65
N ASP C 137 -6.60 -29.33 -22.55
CA ASP C 137 -7.06 -30.68 -22.88
C ASP C 137 -6.17 -31.78 -22.31
N GLY C 138 -5.95 -31.74 -21.00
CA GLY C 138 -5.22 -32.81 -20.32
C GLY C 138 -3.86 -32.41 -19.76
N LEU C 139 -3.27 -31.32 -20.25
CA LEU C 139 -2.08 -30.78 -19.62
C LEU C 139 -2.48 -30.18 -18.27
N PRO C 140 -1.78 -30.55 -17.18
CA PRO C 140 -2.07 -29.92 -15.89
C PRO C 140 -1.71 -28.43 -15.85
N MET C 141 -2.43 -27.69 -15.01
CA MET C 141 -2.26 -26.25 -14.89
C MET C 141 -1.43 -25.90 -13.66
N VAL C 142 -0.49 -24.98 -13.82
CA VAL C 142 0.25 -24.38 -12.73
C VAL C 142 -0.31 -22.97 -12.55
N VAL C 143 -1.06 -22.77 -11.46
CA VAL C 143 -1.59 -21.46 -11.12
C VAL C 143 -0.37 -20.60 -10.76
N TYR C 144 -0.30 -19.41 -11.32
CA TYR C 144 0.85 -18.51 -11.13
C TYR C 144 0.42 -17.25 -10.36
N ASN C 145 0.91 -17.17 -9.12
CA ASN C 145 0.59 -16.09 -8.19
C ASN C 145 1.80 -15.15 -8.05
N ILE C 146 1.64 -13.89 -8.48
CA ILE C 146 2.70 -12.89 -8.35
C ILE C 146 2.12 -11.52 -8.01
N PRO C 147 1.70 -11.34 -6.73
CA PRO C 147 0.98 -10.14 -6.30
C PRO C 147 1.70 -8.84 -6.61
N ALA C 148 3.02 -8.83 -6.46
CA ALA C 148 3.81 -7.61 -6.64
C ALA C 148 3.70 -7.01 -8.05
N LEU C 149 3.46 -7.84 -9.07
CA LEU C 149 3.31 -7.34 -10.45
C LEU C 149 1.86 -7.36 -10.94
N SER C 150 1.10 -8.36 -10.52
CA SER C 150 -0.25 -8.55 -11.05
C SER C 150 -1.27 -7.61 -10.39
N GLY C 151 -1.00 -7.24 -9.15
CA GLY C 151 -1.93 -6.42 -8.37
C GLY C 151 -3.08 -7.23 -7.82
N VAL C 152 -3.05 -8.54 -8.02
CA VAL C 152 -4.12 -9.40 -7.55
C VAL C 152 -3.72 -9.92 -6.17
N LYS C 153 -4.56 -9.64 -5.18
CA LYS C 153 -4.30 -9.95 -3.78
C LYS C 153 -5.23 -11.05 -3.29
N LEU C 154 -4.88 -12.30 -3.58
CA LEU C 154 -5.72 -13.44 -3.20
C LEU C 154 -5.55 -13.76 -1.72
N THR C 155 -6.64 -14.17 -1.08
CA THR C 155 -6.55 -14.66 0.28
C THR C 155 -6.08 -16.12 0.25
N LEU C 156 -5.68 -16.64 1.41
CA LEU C 156 -5.32 -18.06 1.50
C LEU C 156 -6.49 -18.93 1.08
N ASP C 157 -7.71 -18.57 1.52
CA ASP C 157 -8.90 -19.32 1.16
CA ASP C 157 -8.91 -19.30 1.16
C ASP C 157 -9.09 -19.33 -0.36
N GLN C 158 -8.84 -18.19 -0.98
CA GLN C 158 -8.95 -18.09 -2.43
C GLN C 158 -7.87 -18.92 -3.15
N ILE C 159 -6.64 -18.88 -2.65
CA ILE C 159 -5.58 -19.73 -3.18
C ILE C 159 -5.92 -21.22 -3.07
N ASN C 160 -6.52 -21.60 -1.95
CA ASN C 160 -6.95 -22.98 -1.68
C ASN C 160 -7.97 -23.46 -2.68
N THR C 161 -8.93 -22.59 -2.99
CA THR C 161 -9.93 -22.89 -4.01
C THR C 161 -9.29 -23.09 -5.37
N LEU C 162 -8.39 -22.17 -5.74
CA LEU C 162 -7.73 -22.23 -7.04
C LEU C 162 -6.92 -23.48 -7.23
N VAL C 163 -6.09 -23.83 -6.25
CA VAL C 163 -5.21 -24.99 -6.39
C VAL C 163 -5.95 -26.33 -6.35
N THR C 164 -7.23 -26.32 -5.96
CA THR C 164 -8.07 -27.52 -5.98
C THR C 164 -9.05 -27.57 -7.16
N LEU C 165 -8.96 -26.63 -8.09
CA LEU C 165 -9.77 -26.70 -9.31
C LEU C 165 -9.40 -27.96 -10.08
N PRO C 166 -10.40 -28.63 -10.70
CA PRO C 166 -10.05 -29.80 -11.51
C PRO C 166 -9.04 -29.45 -12.60
N GLY C 167 -7.92 -30.18 -12.61
CA GLY C 167 -6.88 -29.99 -13.61
C GLY C 167 -5.69 -29.17 -13.14
N VAL C 168 -5.76 -28.61 -11.93
CA VAL C 168 -4.62 -27.87 -11.38
C VAL C 168 -3.69 -28.83 -10.65
N GLY C 169 -2.43 -28.83 -11.06
CA GLY C 169 -1.44 -29.74 -10.47
C GLY C 169 -0.30 -29.07 -9.73
N ALA C 170 -0.28 -27.74 -9.69
CA ALA C 170 0.81 -27.02 -9.04
C ALA C 170 0.50 -25.55 -8.82
N LEU C 171 1.26 -24.94 -7.92
CA LEU C 171 1.18 -23.49 -7.67
C LEU C 171 2.59 -22.91 -7.75
N KPI C 172 2.75 -21.90 -8.61
CA KPI C 172 3.95 -21.08 -8.63
CB KPI C 172 4.34 -20.66 -10.04
CG KPI C 172 5.61 -19.80 -10.08
CD KPI C 172 5.99 -19.37 -11.47
CE KPI C 172 7.17 -18.38 -11.47
NZ KPI C 172 7.33 -17.74 -12.82
CX1 KPI C 172 8.38 -17.02 -13.21
C1 KPI C 172 9.71 -16.99 -12.46
CX2 KPI C 172 8.25 -16.19 -14.49
O1 KPI C 172 9.23 -15.52 -14.86
O2 KPI C 172 7.14 -16.18 -15.06
C KPI C 172 3.69 -19.87 -7.75
O KPI C 172 2.89 -18.99 -8.10
N GLN C 173 4.41 -19.82 -6.63
CA GLN C 173 4.13 -18.90 -5.55
C GLN C 173 5.25 -17.86 -5.49
N THR C 174 5.09 -16.80 -6.26
CA THR C 174 6.04 -15.69 -6.28
C THR C 174 5.54 -14.69 -5.25
N SER C 175 5.82 -15.02 -4.00
CA SER C 175 5.41 -14.22 -2.85
C SER C 175 6.46 -14.45 -1.77
N GLY C 176 6.83 -13.39 -1.06
CA GLY C 176 7.78 -13.48 0.04
C GLY C 176 7.17 -13.77 1.40
N ASP C 177 5.87 -14.07 1.43
CA ASP C 177 5.17 -14.39 2.67
C ASP C 177 5.31 -15.89 2.98
N LEU C 178 6.26 -16.22 3.84
CA LEU C 178 6.57 -17.61 4.10
C LEU C 178 5.71 -18.22 5.19
N TYR C 179 4.84 -17.41 5.80
CA TYR C 179 3.77 -17.94 6.63
C TYR C 179 2.77 -18.59 5.72
N GLN C 180 2.32 -17.85 4.72
CA GLN C 180 1.38 -18.38 3.74
C GLN C 180 1.93 -19.60 3.01
N MET C 181 3.22 -19.59 2.70
CA MET C 181 3.86 -20.75 2.06
C MET C 181 3.64 -21.99 2.90
N GLU C 182 3.93 -21.87 4.20
CA GLU C 182 3.73 -22.97 5.14
C GLU C 182 2.27 -23.35 5.24
N GLN C 183 1.37 -22.37 5.25
CA GLN C 183 -0.06 -22.67 5.37
C GLN C 183 -0.57 -23.46 4.16
N ILE C 184 -0.06 -23.12 2.98
CA ILE C 184 -0.42 -23.78 1.73
C ILE C 184 0.03 -25.26 1.77
N ARG C 185 1.27 -25.47 2.19
CA ARG C 185 1.83 -26.84 2.34
C ARG C 185 1.03 -27.66 3.35
N ARG C 186 0.70 -27.03 4.48
CA ARG C 186 -0.08 -27.68 5.51
C ARG C 186 -1.45 -28.12 5.00
N GLU C 187 -2.09 -27.27 4.19
CA GLU C 187 -3.42 -27.56 3.63
C GLU C 187 -3.37 -28.61 2.52
N HIS C 188 -2.30 -28.59 1.73
CA HIS C 188 -2.15 -29.45 0.55
C HIS C 188 -0.81 -30.17 0.60
N PRO C 189 -0.74 -31.25 1.40
CA PRO C 189 0.51 -31.99 1.61
C PRO C 189 1.17 -32.52 0.34
N ASP C 190 0.36 -32.75 -0.71
CA ASP C 190 0.83 -33.34 -1.96
C ASP C 190 0.99 -32.32 -3.09
N LEU C 191 0.59 -31.07 -2.86
CA LEU C 191 0.68 -30.05 -3.89
C LEU C 191 2.12 -29.75 -4.30
N VAL C 192 2.35 -29.72 -5.61
CA VAL C 192 3.60 -29.22 -6.15
C VAL C 192 3.60 -27.70 -5.94
N LEU C 193 4.63 -27.21 -5.24
CA LEU C 193 4.66 -25.83 -4.74
C LEU C 193 6.01 -25.20 -5.04
N TYR C 194 6.03 -24.34 -6.06
CA TYR C 194 7.25 -23.72 -6.55
C TYR C 194 7.49 -22.40 -5.85
N ASN C 195 8.67 -22.28 -5.24
CA ASN C 195 9.20 -20.99 -4.76
C ASN C 195 9.51 -20.06 -5.93
N GLY C 196 8.92 -18.88 -5.91
CA GLY C 196 9.03 -17.94 -7.03
C GLY C 196 10.07 -16.84 -6.89
N TYR C 197 10.40 -16.46 -5.66
CA TYR C 197 11.46 -15.46 -5.42
C TYR C 197 12.77 -16.13 -5.10
N ASP C 198 13.72 -16.02 -6.03
CA ASP C 198 14.99 -16.72 -5.97
C ASP C 198 15.79 -16.36 -4.73
N ASN C 199 15.66 -15.12 -4.28
CA ASN C 199 16.44 -14.64 -3.15
C ASN C 199 15.97 -15.13 -1.77
N ILE C 200 14.91 -15.93 -1.73
CA ILE C 200 14.50 -16.60 -0.47
C ILE C 200 14.33 -18.13 -0.63
N PHE C 201 14.89 -18.66 -1.72
CA PHE C 201 14.70 -20.06 -2.11
C PHE C 201 14.94 -21.02 -0.94
N ALA C 202 16.08 -20.93 -0.28
CA ALA C 202 16.35 -21.84 0.84
C ALA C 202 15.26 -21.73 1.91
N SER C 203 14.86 -20.51 2.24
CA SER C 203 13.83 -20.27 3.26
C SER C 203 12.45 -20.74 2.80
N GLY C 204 12.14 -20.58 1.51
CA GLY C 204 10.86 -21.05 0.99
C GLY C 204 10.76 -22.57 1.01
N LEU C 205 11.85 -23.25 0.65
CA LEU C 205 11.93 -24.71 0.78
C LEU C 205 11.65 -25.13 2.24
N LEU C 206 12.30 -24.47 3.20
CA LEU C 206 12.08 -24.79 4.61
C LEU C 206 10.62 -24.58 5.06
N ALA C 207 9.98 -23.55 4.53
CA ALA C 207 8.58 -23.27 4.85
C ALA C 207 7.60 -24.26 4.21
N GLY C 208 8.01 -24.92 3.12
CA GLY C 208 7.13 -25.91 2.51
C GLY C 208 7.18 -26.08 1.01
N ALA C 209 7.85 -25.17 0.30
CA ALA C 209 7.99 -25.33 -1.16
C ALA C 209 8.79 -26.59 -1.41
N ASP C 210 8.49 -27.29 -2.51
CA ASP C 210 9.23 -28.50 -2.87
C ASP C 210 10.01 -28.35 -4.20
N GLY C 211 10.26 -27.11 -4.57
CA GLY C 211 11.08 -26.81 -5.72
C GLY C 211 10.94 -25.33 -6.01
N GLY C 212 11.23 -24.94 -7.23
CA GLY C 212 11.10 -23.54 -7.60
C GLY C 212 11.14 -23.29 -9.08
N ILE C 213 10.69 -22.09 -9.44
CA ILE C 213 10.78 -21.55 -10.79
C ILE C 213 11.35 -20.16 -10.66
N GLY C 214 12.44 -19.90 -11.35
CA GLY C 214 13.13 -18.64 -11.19
C GLY C 214 13.96 -18.20 -12.38
N SER C 215 14.10 -16.89 -12.51
CA SER C 215 14.83 -16.27 -13.58
C SER C 215 16.35 -16.50 -13.51
N THR C 216 16.93 -16.48 -12.30
CA THR C 216 18.38 -16.60 -12.17
C THR C 216 18.89 -18.04 -12.39
N TYR C 217 17.99 -19.01 -12.48
CA TYR C 217 18.39 -20.40 -12.70
C TYR C 217 19.04 -20.57 -14.08
N ASN C 218 18.73 -19.66 -15.02
CA ASN C 218 19.40 -19.63 -16.33
C ASN C 218 20.93 -19.56 -16.25
N ILE C 219 21.47 -18.87 -15.23
CA ILE C 219 22.91 -18.75 -15.09
C ILE C 219 23.52 -19.51 -13.92
N MET C 220 22.70 -19.98 -12.96
CA MET C 220 23.23 -20.74 -11.81
C MET C 220 22.24 -21.73 -11.22
N GLY C 221 21.54 -22.43 -12.10
CA GLY C 221 20.53 -23.38 -11.69
C GLY C 221 21.06 -24.47 -10.77
N TRP C 222 22.31 -24.89 -11.01
CA TRP C 222 22.95 -25.92 -10.19
C TRP C 222 23.05 -25.51 -8.70
N ARG C 223 23.18 -24.22 -8.43
CA ARG C 223 23.21 -23.74 -7.03
C ARG C 223 21.92 -24.01 -6.30
N TYR C 224 20.79 -23.78 -6.97
CA TYR C 224 19.47 -24.04 -6.38
C TYR C 224 19.25 -25.52 -6.20
N GLN C 225 19.70 -26.32 -7.17
CA GLN C 225 19.68 -27.77 -7.01
C GLN C 225 20.57 -28.19 -5.85
N GLY C 226 21.72 -27.53 -5.71
CA GLY C 226 22.60 -27.76 -4.56
C GLY C 226 21.95 -27.42 -3.22
N ILE C 227 21.08 -26.40 -3.21
CA ILE C 227 20.35 -26.06 -1.98
C ILE C 227 19.32 -27.13 -1.63
N VAL C 228 18.62 -27.64 -2.64
CA VAL C 228 17.65 -28.72 -2.42
C VAL C 228 18.38 -29.95 -1.85
N LYS C 229 19.55 -30.25 -2.40
CA LYS C 229 20.38 -31.40 -1.98
C LYS C 229 20.91 -31.21 -0.57
N ALA C 230 21.56 -30.08 -0.33
CA ALA C 230 22.11 -29.76 0.98
C ALA C 230 21.03 -29.85 2.08
N LEU C 231 19.83 -29.36 1.80
CA LEU C 231 18.75 -29.41 2.79
C LEU C 231 18.30 -30.85 3.05
N LYS C 232 18.21 -31.66 2.00
CA LYS C 232 17.84 -33.07 2.20
C LYS C 232 18.95 -33.85 2.92
N GLU C 233 20.21 -33.51 2.66
CA GLU C 233 21.33 -34.08 3.42
C GLU C 233 21.39 -33.54 4.87
N GLY C 234 20.58 -32.53 5.18
CA GLY C 234 20.60 -31.87 6.49
C GLY C 234 21.83 -31.00 6.70
N ASP C 235 22.47 -30.61 5.61
CA ASP C 235 23.64 -29.76 5.67
C ASP C 235 23.15 -28.33 5.51
N ILE C 236 22.83 -27.70 6.65
CA ILE C 236 22.27 -26.34 6.64
C ILE C 236 23.30 -25.30 6.23
N GLN C 237 24.54 -25.47 6.69
CA GLN C 237 25.62 -24.53 6.38
C GLN C 237 25.85 -24.36 4.88
N THR C 238 25.86 -25.49 4.16
CA THR C 238 26.02 -25.44 2.71
C THR C 238 24.80 -24.81 2.05
N ALA C 239 23.61 -25.15 2.53
CA ALA C 239 22.39 -24.52 2.00
C ALA C 239 22.45 -22.99 2.16
N GLN C 240 22.88 -22.51 3.34
CA GLN C 240 23.01 -21.07 3.59
C GLN C 240 24.10 -20.42 2.75
N LYS C 241 25.24 -21.10 2.64
CA LYS C 241 26.37 -20.58 1.87
C LYS C 241 25.96 -20.39 0.42
N LEU C 242 25.24 -21.38 -0.11
CA LEU C 242 24.75 -21.30 -1.49
C LEU C 242 23.73 -20.19 -1.65
N GLN C 243 22.78 -20.08 -0.71
CA GLN C 243 21.79 -19.00 -0.79
C GLN C 243 22.45 -17.61 -0.73
N THR C 244 23.45 -17.46 0.14
CA THR C 244 24.23 -16.24 0.23
C THR C 244 24.92 -15.89 -1.09
N GLU C 245 25.51 -16.89 -1.74
CA GLU C 245 26.12 -16.67 -3.05
C GLU C 245 25.08 -16.29 -4.11
N CYS C 246 23.91 -16.94 -4.10
CA CYS C 246 22.83 -16.55 -5.02
C CYS C 246 22.40 -15.09 -4.78
N ASN C 247 22.32 -14.69 -3.52
CA ASN C 247 21.90 -13.31 -3.18
C ASN C 247 22.93 -12.24 -3.55
N LYS C 248 24.22 -12.54 -3.44
CA LYS C 248 25.27 -11.65 -3.97
C LYS C 248 25.10 -11.36 -5.46
N VAL C 249 24.74 -12.39 -6.22
CA VAL C 249 24.43 -12.23 -7.64
C VAL C 249 23.12 -11.46 -7.82
N ILE C 250 22.11 -11.83 -7.06
CA ILE C 250 20.81 -11.16 -7.18
C ILE C 250 20.93 -9.66 -6.87
N ASP C 251 21.76 -9.29 -5.88
CA ASP C 251 21.98 -7.88 -5.56
C ASP C 251 22.42 -7.14 -6.82
N LEU C 252 23.42 -7.70 -7.50
CA LEU C 252 23.95 -7.12 -8.74
C LEU C 252 22.85 -7.06 -9.82
N LEU C 253 22.15 -8.16 -10.03
CA LEU C 253 21.13 -8.17 -11.08
C LEU C 253 20.05 -7.12 -10.85
N ILE C 254 19.69 -6.90 -9.58
CA ILE C 254 18.68 -5.88 -9.26
C ILE C 254 19.24 -4.47 -9.58
N LYS C 255 20.52 -4.25 -9.33
CA LYS C 255 21.17 -2.99 -9.75
C LYS C 255 21.14 -2.79 -11.27
N THR C 256 21.42 -3.84 -12.02
CA THR C 256 21.55 -3.73 -13.48
C THR C 256 20.19 -3.79 -14.17
N GLY C 257 19.20 -4.35 -13.48
CA GLY C 257 17.94 -4.77 -14.09
C GLY C 257 18.09 -6.26 -14.36
N VAL C 258 17.14 -7.05 -13.89
CA VAL C 258 17.34 -8.49 -13.74
C VAL C 258 17.40 -9.23 -15.09
N PHE C 259 16.40 -9.02 -15.95
CA PHE C 259 16.35 -9.79 -17.20
C PHE C 259 17.54 -9.43 -18.08
N ARG C 260 17.80 -8.14 -18.26
CA ARG C 260 18.89 -7.70 -19.12
C ARG C 260 20.25 -8.05 -18.52
N GLY C 261 20.34 -8.06 -17.19
CA GLY C 261 21.53 -8.52 -16.50
C GLY C 261 21.83 -9.99 -16.75
N LEU C 262 20.80 -10.82 -16.59
CA LEU C 262 20.92 -12.24 -16.89
C LEU C 262 21.32 -12.47 -18.36
N LYS C 263 20.69 -11.76 -19.28
CA LYS C 263 21.01 -11.91 -20.70
C LYS C 263 22.45 -11.49 -20.99
N THR C 264 22.92 -10.48 -20.26
CA THR C 264 24.30 -10.00 -20.44
C THR C 264 25.32 -11.02 -19.93
N VAL C 265 25.07 -11.63 -18.76
CA VAL C 265 25.91 -12.75 -18.28
C VAL C 265 25.92 -13.88 -19.32
N LEU C 266 24.74 -14.23 -19.82
CA LEU C 266 24.61 -15.27 -20.85
C LEU C 266 25.38 -14.94 -22.13
N HIS C 267 25.40 -13.65 -22.50
CA HIS C 267 26.18 -13.14 -23.63
C HIS C 267 27.66 -13.45 -23.44
N TYR C 268 28.20 -13.12 -22.27
CA TYR C 268 29.60 -13.41 -21.93
C TYR C 268 29.89 -14.89 -21.76
N MET C 269 28.87 -15.70 -21.50
CA MET C 269 29.02 -17.14 -21.51
C MET C 269 28.90 -17.73 -22.92
N ASP C 270 28.80 -16.86 -23.95
CA ASP C 270 28.73 -17.26 -25.37
C ASP C 270 27.43 -17.98 -25.73
N VAL C 271 26.34 -17.64 -25.05
CA VAL C 271 25.05 -18.28 -25.29
C VAL C 271 24.09 -17.37 -26.06
N VAL C 272 23.96 -16.12 -25.62
CA VAL C 272 23.02 -15.15 -26.18
C VAL C 272 23.80 -14.12 -26.98
N SER C 273 23.47 -13.94 -28.25
CA SER C 273 24.22 -13.03 -29.13
C SER C 273 24.12 -11.56 -28.76
N VAL C 274 22.90 -11.12 -28.47
CA VAL C 274 22.57 -9.73 -28.19
C VAL C 274 21.71 -9.71 -26.92
N PRO C 275 22.24 -9.13 -25.82
CA PRO C 275 21.58 -9.24 -24.52
C PRO C 275 20.45 -8.21 -24.28
N LEU C 276 19.68 -7.89 -25.31
CA LEU C 276 18.62 -6.90 -25.22
C LEU C 276 17.30 -7.47 -24.74
N CYS C 277 16.61 -6.68 -23.93
CA CYS C 277 15.20 -6.86 -23.64
C CYS C 277 14.42 -5.96 -24.60
N ARG C 278 13.14 -6.22 -24.78
CA ARG C 278 12.35 -5.40 -25.66
C ARG C 278 11.94 -4.08 -25.04
N LYS C 279 11.86 -3.04 -25.87
CA LYS C 279 11.34 -1.73 -25.45
C LYS C 279 9.93 -1.90 -24.85
N PRO C 280 9.63 -1.20 -23.73
CA PRO C 280 10.36 -0.07 -23.14
C PRO C 280 11.55 -0.36 -22.22
N PHE C 281 11.90 -1.63 -22.01
CA PHE C 281 13.16 -1.92 -21.33
C PHE C 281 14.29 -1.26 -22.11
N GLY C 282 15.21 -0.64 -21.38
CA GLY C 282 16.43 -0.08 -21.96
C GLY C 282 17.59 -1.05 -21.82
N PRO C 283 18.75 -0.68 -22.40
CA PRO C 283 19.94 -1.52 -22.31
C PRO C 283 20.61 -1.41 -20.94
N VAL C 284 21.49 -2.35 -20.64
CA VAL C 284 22.25 -2.30 -19.40
C VAL C 284 23.14 -1.07 -19.41
N ASP C 285 23.25 -0.40 -18.26
CA ASP C 285 24.20 0.70 -18.12
C ASP C 285 25.62 0.11 -18.29
N GLU C 286 26.40 0.70 -19.20
CA GLU C 286 27.71 0.14 -19.57
C GLU C 286 28.71 0.06 -18.42
N LYS C 287 28.52 0.88 -17.39
CA LYS C 287 29.40 0.83 -16.23
C LYS C 287 29.32 -0.49 -15.47
N TYR C 288 28.25 -1.26 -15.67
CA TYR C 288 28.05 -2.55 -15.01
C TYR C 288 28.69 -3.72 -15.76
N LEU C 289 29.18 -3.48 -16.97
CA LEU C 289 29.69 -4.57 -17.81
C LEU C 289 30.88 -5.32 -17.19
N PRO C 290 31.85 -4.58 -16.61
CA PRO C 290 32.95 -5.30 -15.92
C PRO C 290 32.47 -6.27 -14.85
N GLU C 291 31.57 -5.82 -13.99
CA GLU C 291 30.98 -6.70 -12.97
C GLU C 291 30.26 -7.89 -13.58
N LEU C 292 29.51 -7.65 -14.66
CA LEU C 292 28.73 -8.70 -15.30
C LEU C 292 29.62 -9.72 -16.05
N LYS C 293 30.71 -9.23 -16.65
CA LYS C 293 31.70 -10.11 -17.27
C LYS C 293 32.40 -10.99 -16.23
N ALA C 294 32.87 -10.38 -15.14
CA ALA C 294 33.55 -11.13 -14.07
C ALA C 294 32.66 -12.23 -13.48
N LEU C 295 31.37 -11.92 -13.31
CA LEU C 295 30.38 -12.90 -12.88
C LEU C 295 30.28 -14.07 -13.85
N ALA C 296 30.21 -13.76 -15.14
CA ALA C 296 30.23 -14.79 -16.18
C ALA C 296 31.44 -15.72 -16.04
N GLN C 297 32.63 -15.12 -15.95
CA GLN C 297 33.89 -15.87 -15.79
C GLN C 297 33.88 -16.72 -14.54
N GLN C 298 33.55 -16.09 -13.41
CA GLN C 298 33.42 -16.82 -12.14
C GLN C 298 32.50 -18.05 -12.30
N LEU C 299 31.30 -17.83 -12.84
CA LEU C 299 30.30 -18.91 -12.97
C LEU C 299 30.73 -20.02 -13.92
N MET C 300 31.42 -19.64 -15.00
CA MET C 300 31.92 -20.63 -15.95
C MET C 300 33.00 -21.51 -15.30
N GLN C 301 33.90 -20.88 -14.54
CA GLN C 301 34.96 -21.61 -13.82
C GLN C 301 34.41 -22.49 -12.69
N GLU C 302 33.32 -22.07 -12.08
CA GLU C 302 32.72 -22.81 -10.97
C GLU C 302 32.07 -24.11 -11.44
N ARG C 303 31.45 -24.05 -12.63
CA ARG C 303 30.69 -25.18 -13.15
C ARG C 303 31.61 -26.27 -13.70
N HIS D 6 -28.43 15.01 13.70
CA HIS D 6 -27.30 15.82 13.17
C HIS D 6 -27.63 17.31 13.07
N HIS D 7 -28.89 17.62 12.77
CA HIS D 7 -29.37 19.01 12.72
C HIS D 7 -29.21 19.74 14.07
N HIS D 8 -29.14 18.98 15.16
CA HIS D 8 -28.88 19.54 16.48
C HIS D 8 -27.50 20.22 16.52
N ALA D 9 -26.47 19.50 16.08
CA ALA D 9 -25.08 20.01 16.13
C ALA D 9 -24.75 21.05 15.05
N THR D 10 -25.75 21.42 14.23
CA THR D 10 -25.62 22.48 13.22
C THR D 10 -24.78 23.71 13.65
N ASN D 11 -24.79 24.02 14.96
CA ASN D 11 -23.95 25.10 15.51
C ASN D 11 -22.43 24.86 15.41
N LEU D 12 -22.02 23.61 15.14
CA LEU D 12 -20.59 23.27 14.99
C LEU D 12 -20.04 23.48 13.56
N ARG D 13 -20.89 23.92 12.63
CA ARG D 13 -20.48 24.14 11.25
C ARG D 13 -19.56 25.34 11.14
N GLY D 14 -18.52 25.21 10.33
CA GLY D 14 -17.65 26.35 10.04
C GLY D 14 -16.20 25.99 9.83
N VAL D 15 -15.36 27.02 9.87
CA VAL D 15 -13.93 26.91 9.62
C VAL D 15 -13.19 27.05 10.96
N MET D 16 -12.58 25.96 11.42
CA MET D 16 -11.96 25.86 12.75
C MET D 16 -10.48 25.59 12.61
N ALA D 17 -9.64 26.44 13.18
CA ALA D 17 -8.21 26.20 13.11
C ALA D 17 -7.82 25.00 13.99
N ALA D 18 -6.97 24.12 13.48
CA ALA D 18 -6.40 23.06 14.28
C ALA D 18 -5.22 23.69 15.01
N LEU D 19 -5.41 23.97 16.30
CA LEU D 19 -4.48 24.80 17.06
C LEU D 19 -3.14 24.12 17.28
N LEU D 20 -2.06 24.85 16.99
CA LEU D 20 -0.70 24.40 17.32
C LEU D 20 -0.47 24.57 18.84
N THR D 21 0.41 23.75 19.39
CA THR D 21 0.83 23.87 20.81
C THR D 21 2.24 24.47 20.85
N PRO D 22 2.36 25.73 21.34
CA PRO D 22 3.71 26.27 21.41
C PRO D 22 4.56 25.60 22.48
N PHE D 23 5.83 25.39 22.16
CA PHE D 23 6.83 24.93 23.12
C PHE D 23 8.00 25.92 23.18
N ASP D 24 8.84 25.78 24.20
CA ASP D 24 10.05 26.59 24.35
C ASP D 24 11.28 25.74 24.05
N GLN D 25 12.47 26.34 24.12
CA GLN D 25 13.70 25.62 23.78
C GLN D 25 14.02 24.47 24.73
N GLN D 26 13.37 24.43 25.89
CA GLN D 26 13.47 23.28 26.81
C GLN D 26 12.42 22.18 26.50
N GLN D 27 11.60 22.39 25.46
CA GLN D 27 10.50 21.50 25.05
CA GLN D 27 10.50 21.45 25.10
C GLN D 27 9.29 21.57 26.02
N ALA D 28 9.30 22.54 26.93
CA ALA D 28 8.18 22.70 27.85
C ALA D 28 7.06 23.48 27.14
N LEU D 29 5.84 23.37 27.66
CA LEU D 29 4.74 24.19 27.14
C LEU D 29 5.09 25.67 27.27
N ASP D 30 4.81 26.46 26.23
CA ASP D 30 4.93 27.91 26.29
C ASP D 30 3.52 28.48 26.37
N LYS D 31 3.07 28.68 27.60
CA LYS D 31 1.70 29.13 27.89
C LYS D 31 1.39 30.55 27.42
N ALA D 32 2.39 31.44 27.52
CA ALA D 32 2.25 32.81 27.04
C ALA D 32 1.98 32.85 25.54
N SER D 33 2.74 32.05 24.80
CA SER D 33 2.56 31.95 23.35
C SER D 33 1.24 31.25 22.99
N LEU D 34 0.85 30.24 23.76
CA LEU D 34 -0.48 29.60 23.58
C LEU D 34 -1.61 30.63 23.67
N ARG D 35 -1.56 31.48 24.69
CA ARG D 35 -2.58 32.53 24.87
CA ARG D 35 -2.60 32.49 24.87
C ARG D 35 -2.57 33.49 23.70
N ARG D 36 -1.37 33.96 23.33
CA ARG D 36 -1.26 34.86 22.18
C ARG D 36 -1.81 34.23 20.90
N LEU D 37 -1.47 32.96 20.65
CA LEU D 37 -1.97 32.25 19.47
C LEU D 37 -3.49 32.08 19.50
N VAL D 38 -4.06 31.82 20.67
CA VAL D 38 -5.51 31.74 20.76
C VAL D 38 -6.14 33.07 20.36
N GLN D 39 -5.63 34.18 20.89
CA GLN D 39 -6.19 35.50 20.58
C GLN D 39 -5.96 35.87 19.11
N PHE D 40 -4.80 35.52 18.57
CA PHE D 40 -4.49 35.75 17.15
C PHE D 40 -5.55 35.09 16.25
N ASN D 41 -5.94 33.85 16.58
CA ASN D 41 -6.95 33.13 15.83
C ASN D 41 -8.35 33.77 15.95
N ILE D 42 -8.70 34.24 17.14
CA ILE D 42 -9.97 34.95 17.37
C ILE D 42 -10.01 36.23 16.53
N GLN D 43 -8.94 37.01 16.57
CA GLN D 43 -8.86 38.25 15.79
C GLN D 43 -8.88 38.02 14.26
N GLN D 44 -8.52 36.83 13.80
CA GLN D 44 -8.61 36.51 12.36
C GLN D 44 -10.01 36.21 11.86
N GLY D 45 -10.97 36.07 12.77
CA GLY D 45 -12.34 35.80 12.39
C GLY D 45 -12.65 34.32 12.27
N ILE D 46 -11.81 33.48 12.87
CA ILE D 46 -11.99 32.03 12.84
C ILE D 46 -13.29 31.66 13.58
N ASP D 47 -13.97 30.60 13.15
CA ASP D 47 -15.24 30.20 13.77
C ASP D 47 -15.03 29.42 15.07
N GLY D 48 -13.85 28.83 15.23
CA GLY D 48 -13.57 27.98 16.38
C GLY D 48 -12.17 27.41 16.39
N LEU D 49 -11.87 26.62 17.40
CA LEU D 49 -10.57 25.99 17.51
C LEU D 49 -10.74 24.52 17.84
N TYR D 50 -9.88 23.73 17.21
CA TYR D 50 -9.80 22.28 17.42
C TYR D 50 -8.48 22.09 18.15
N VAL D 51 -8.59 21.67 19.41
CA VAL D 51 -7.47 21.77 20.36
C VAL D 51 -6.90 20.39 20.69
N GLY D 52 -5.57 20.29 20.67
CA GLY D 52 -4.90 19.04 21.00
C GLY D 52 -5.09 17.94 19.97
N GLY D 53 -5.22 18.33 18.70
CA GLY D 53 -5.30 17.39 17.58
C GLY D 53 -3.93 16.96 17.08
N SER D 54 -3.88 16.42 15.87
CA SER D 54 -2.59 16.05 15.24
C SER D 54 -1.68 17.27 15.18
N THR D 55 -2.21 18.36 14.63
CA THR D 55 -1.50 19.64 14.50
C THR D 55 -1.05 20.18 15.86
N GLY D 56 -1.82 19.87 16.90
CA GLY D 56 -1.49 20.28 18.26
C GLY D 56 -0.40 19.45 18.90
N GLU D 57 0.17 18.51 18.15
CA GLU D 57 1.22 17.60 18.64
C GLU D 57 0.77 16.82 19.86
N ALA D 58 -0.50 16.39 19.83
CA ALA D 58 -1.07 15.65 20.94
C ALA D 58 -0.28 14.41 21.32
N PHE D 59 0.27 13.70 20.32
CA PHE D 59 0.79 12.37 20.58
C PHE D 59 2.24 12.37 21.07
N VAL D 60 2.81 13.56 21.29
CA VAL D 60 4.08 13.75 21.98
C VAL D 60 3.89 14.54 23.30
N GLN D 61 2.65 14.58 23.81
CA GLN D 61 2.34 15.22 25.09
C GLN D 61 1.73 14.21 26.03
N SER D 62 1.89 14.45 27.33
CA SER D 62 1.21 13.65 28.32
C SER D 62 -0.24 14.13 28.42
N LEU D 63 -1.07 13.35 29.11
CA LEU D 63 -2.45 13.74 29.37
C LEU D 63 -2.54 15.05 30.17
N SER D 64 -1.64 15.20 31.16
CA SER D 64 -1.59 16.39 31.98
C SER D 64 -1.29 17.63 31.15
N GLU D 65 -0.30 17.52 30.28
CA GLU D 65 0.03 18.59 29.36
C GLU D 65 -1.12 18.93 28.42
N ARG D 66 -1.77 17.91 27.88
CA ARG D 66 -2.93 18.12 27.01
C ARG D 66 -4.05 18.83 27.76
N GLU D 67 -4.29 18.44 29.01
CA GLU D 67 -5.29 19.08 29.88
C GLU D 67 -4.97 20.52 30.18
N GLN D 68 -3.71 20.81 30.49
CA GLN D 68 -3.26 22.18 30.71
C GLN D 68 -3.57 23.08 29.52
N VAL D 69 -3.36 22.54 28.32
CA VAL D 69 -3.61 23.31 27.09
C VAL D 69 -5.11 23.54 26.91
N LEU D 70 -5.90 22.48 27.08
CA LEU D 70 -7.36 22.58 26.97
C LEU D 70 -7.91 23.66 27.92
N GLU D 71 -7.37 23.69 29.12
CA GLU D 71 -7.86 24.58 30.16
C GLU D 71 -7.59 26.03 29.80
N ILE D 72 -6.38 26.29 29.34
CA ILE D 72 -5.96 27.63 28.98
C ILE D 72 -6.77 28.13 27.78
N VAL D 73 -6.97 27.28 26.78
CA VAL D 73 -7.74 27.71 25.61
C VAL D 73 -9.18 28.08 26.01
N ALA D 74 -9.80 27.26 26.85
CA ALA D 74 -11.14 27.58 27.37
C ALA D 74 -11.16 28.93 28.10
N GLU D 75 -10.19 29.14 28.98
CA GLU D 75 -10.05 30.43 29.69
C GLU D 75 -10.01 31.58 28.69
N GLU D 76 -9.24 31.39 27.62
CA GLU D 76 -9.04 32.44 26.63
C GLU D 76 -10.25 32.63 25.70
N ALA D 77 -10.94 31.55 25.35
CA ALA D 77 -11.87 31.61 24.23
C ALA D 77 -13.29 31.14 24.48
N LYS D 78 -13.58 30.55 25.64
CA LYS D 78 -14.92 30.01 25.87
C LYS D 78 -15.95 31.13 25.70
N GLY D 79 -17.02 30.85 24.97
CA GLY D 79 -18.06 31.83 24.70
C GLY D 79 -17.81 32.79 23.55
N LYS D 80 -16.54 32.92 23.12
CA LYS D 80 -16.17 33.84 22.05
C LYS D 80 -16.17 33.16 20.67
N ILE D 81 -15.75 31.90 20.63
CA ILE D 81 -15.75 31.07 19.42
C ILE D 81 -16.02 29.65 19.84
N LYS D 82 -16.24 28.76 18.87
CA LYS D 82 -16.54 27.38 19.20
C LYS D 82 -15.25 26.64 19.59
N LEU D 83 -15.37 25.73 20.55
CA LEU D 83 -14.20 24.98 21.03
C LEU D 83 -14.44 23.48 20.97
N ILE D 84 -13.58 22.79 20.23
CA ILE D 84 -13.62 21.35 20.10
C ILE D 84 -12.34 20.81 20.71
N ALA D 85 -12.47 19.89 21.66
CA ALA D 85 -11.33 19.29 22.33
C ALA D 85 -11.01 17.96 21.70
N HIS D 86 -9.86 17.86 21.04
CA HIS D 86 -9.44 16.53 20.62
C HIS D 86 -8.86 15.76 21.81
N VAL D 87 -9.61 14.73 22.22
CA VAL D 87 -9.31 13.94 23.42
C VAL D 87 -8.79 12.55 23.09
N GLY D 88 -8.62 12.25 21.80
CA GLY D 88 -8.31 10.90 21.36
C GLY D 88 -6.94 10.43 21.79
N CYS D 89 -6.91 9.22 22.31
CA CYS D 89 -5.66 8.50 22.57
C CYS D 89 -5.81 7.13 21.96
N VAL D 90 -4.75 6.33 21.97
CA VAL D 90 -4.92 4.92 21.62
C VAL D 90 -5.80 4.25 22.68
N SER D 91 -5.51 4.54 23.95
CA SER D 91 -6.27 3.98 25.08
C SER D 91 -7.63 4.64 25.19
N THR D 92 -8.67 3.83 25.37
CA THR D 92 -10.02 4.34 25.62
C THR D 92 -10.08 5.08 26.96
N ALA D 93 -9.45 4.52 27.98
CA ALA D 93 -9.52 5.10 29.33
C ALA D 93 -8.82 6.44 29.39
N GLU D 94 -7.66 6.54 28.74
CA GLU D 94 -6.98 7.82 28.65
C GLU D 94 -7.85 8.85 27.91
N SER D 95 -8.50 8.42 26.82
CA SER D 95 -9.35 9.29 26.04
C SER D 95 -10.55 9.76 26.86
N GLN D 96 -11.06 8.88 27.72
CA GLN D 96 -12.18 9.19 28.64
C GLN D 96 -11.78 10.22 29.69
N GLN D 97 -10.54 10.16 30.16
CA GLN D 97 -10.05 11.14 31.15
C GLN D 97 -10.06 12.53 30.52
N LEU D 98 -9.55 12.61 29.30
CA LEU D 98 -9.49 13.87 28.60
C LEU D 98 -10.88 14.39 28.25
N ALA D 99 -11.81 13.49 27.92
CA ALA D 99 -13.18 13.89 27.61
C ALA D 99 -13.84 14.49 28.86
N ALA D 100 -13.61 13.86 30.01
CA ALA D 100 -14.17 14.36 31.27
C ALA D 100 -13.59 15.74 31.58
N SER D 101 -12.30 15.93 31.31
CA SER D 101 -11.65 17.23 31.50
C SER D 101 -12.20 18.29 30.54
N ALA D 102 -12.41 17.93 29.27
CA ALA D 102 -13.01 18.86 28.30
C ALA D 102 -14.36 19.36 28.78
N LYS D 103 -15.18 18.43 29.31
CA LYS D 103 -16.51 18.76 29.87
C LYS D 103 -16.37 19.76 31.02
N ARG D 104 -15.50 19.45 31.99
CA ARG D 104 -15.19 20.37 33.09
C ARG D 104 -14.81 21.77 32.65
N TYR D 105 -14.02 21.88 31.57
CA TYR D 105 -13.54 23.18 31.11
C TYR D 105 -14.58 23.91 30.23
N GLY D 106 -15.69 23.26 29.93
CA GLY D 106 -16.76 23.92 29.18
C GLY D 106 -16.54 23.96 27.67
N PHE D 107 -15.89 22.94 27.12
CA PHE D 107 -15.75 22.82 25.67
C PHE D 107 -17.13 22.55 25.06
N ASP D 108 -17.29 22.93 23.78
CA ASP D 108 -18.56 22.70 23.06
C ASP D 108 -18.65 21.32 22.47
N ALA D 109 -17.51 20.67 22.23
CA ALA D 109 -17.52 19.32 21.65
C ALA D 109 -16.21 18.60 21.94
N VAL D 110 -16.25 17.29 21.80
CA VAL D 110 -15.05 16.46 21.89
C VAL D 110 -14.79 15.82 20.52
N SER D 111 -13.58 15.34 20.34
CA SER D 111 -13.19 14.64 19.11
C SER D 111 -12.19 13.56 19.45
N ALA D 112 -12.16 12.50 18.64
CA ALA D 112 -11.15 11.47 18.81
C ALA D 112 -10.79 10.81 17.47
N VAL D 113 -9.49 10.75 17.21
CA VAL D 113 -8.93 10.05 16.07
C VAL D 113 -9.21 8.57 16.30
N THR D 114 -9.47 7.85 15.21
CA THR D 114 -9.59 6.40 15.28
C THR D 114 -8.32 5.87 15.93
N PRO D 115 -8.45 5.05 16.98
CA PRO D 115 -7.30 4.59 17.72
C PRO D 115 -6.36 3.77 16.82
N PHE D 116 -5.06 4.02 16.95
CA PHE D 116 -4.06 3.60 15.97
C PHE D 116 -2.96 2.65 16.56
N TYR D 117 -1.94 2.38 15.76
CA TYR D 117 -0.88 1.39 16.03
C TYR D 117 -1.40 -0.05 16.05
N TYR D 118 -2.17 -0.45 17.07
CA TYR D 118 -2.72 -1.79 17.12
C TYR D 118 -3.94 -1.87 16.21
N PRO D 119 -4.08 -2.95 15.42
CA PRO D 119 -5.33 -3.09 14.67
C PRO D 119 -6.48 -3.42 15.60
N PHE D 120 -7.55 -2.65 15.52
CA PHE D 120 -8.76 -2.94 16.25
C PHE D 120 -9.85 -3.24 15.25
N SER D 121 -10.80 -4.06 15.67
CA SER D 121 -11.93 -4.40 14.84
C SER D 121 -12.85 -3.20 14.78
N PHE D 122 -13.73 -3.18 13.78
CA PHE D 122 -14.66 -2.09 13.66
C PHE D 122 -15.54 -1.95 14.90
N GLU D 123 -15.98 -3.08 15.44
CA GLU D 123 -16.79 -3.10 16.66
C GLU D 123 -16.00 -2.48 17.82
N GLU D 124 -14.70 -2.76 17.89
CA GLU D 124 -13.84 -2.17 18.92
C GLU D 124 -13.73 -0.66 18.76
N HIS D 125 -13.69 -0.18 17.51
CA HIS D 125 -13.73 1.26 17.27
C HIS D 125 -15.04 1.87 17.75
N CYS D 126 -16.17 1.23 17.43
CA CYS D 126 -17.46 1.76 17.84
C CYS D 126 -17.56 1.85 19.38
N ASP D 127 -17.12 0.82 20.09
CA ASP D 127 -17.19 0.83 21.57
C ASP D 127 -16.32 1.93 22.17
N HIS D 128 -15.16 2.14 21.55
CA HIS D 128 -14.23 3.19 21.92
C HIS D 128 -14.93 4.56 21.87
N TYR D 129 -15.54 4.87 20.74
CA TYR D 129 -16.28 6.12 20.59
C TYR D 129 -17.47 6.18 21.58
N ARG D 130 -18.18 5.07 21.76
CA ARG D 130 -19.29 5.04 22.73
C ARG D 130 -18.80 5.43 24.14
N ALA D 131 -17.72 4.82 24.58
CA ALA D 131 -17.16 5.07 25.91
C ALA D 131 -16.74 6.54 26.08
N ILE D 132 -16.15 7.11 25.03
CA ILE D 132 -15.70 8.49 25.09
C ILE D 132 -16.90 9.45 25.14
N ILE D 133 -17.93 9.14 24.34
CA ILE D 133 -19.15 9.95 24.32
C ILE D 133 -19.82 9.97 25.70
N ASP D 134 -19.84 8.81 26.35
CA ASP D 134 -20.38 8.71 27.69
C ASP D 134 -19.61 9.65 28.64
N SER D 135 -18.28 9.63 28.57
CA SER D 135 -17.44 10.44 29.46
C SER D 135 -17.55 11.93 29.16
N ALA D 136 -17.86 12.27 27.91
CA ALA D 136 -18.07 13.66 27.50
C ALA D 136 -19.38 14.23 28.06
N ASP D 137 -20.29 13.35 28.44
CA ASP D 137 -21.50 13.66 29.20
C ASP D 137 -22.29 14.82 28.61
N GLY D 138 -22.65 14.69 27.34
CA GLY D 138 -23.47 15.71 26.66
C GLY D 138 -22.75 16.55 25.62
N LEU D 139 -21.43 16.60 25.67
CA LEU D 139 -20.66 17.24 24.60
C LEU D 139 -20.75 16.35 23.34
N PRO D 140 -21.14 16.93 22.18
CA PRO D 140 -21.16 16.10 20.98
C PRO D 140 -19.76 15.67 20.53
N MET D 141 -19.70 14.51 19.89
CA MET D 141 -18.45 13.90 19.39
C MET D 141 -18.21 14.22 17.93
N VAL D 142 -16.95 14.55 17.63
CA VAL D 142 -16.50 14.75 16.25
C VAL D 142 -15.60 13.56 15.93
N VAL D 143 -16.12 12.59 15.17
CA VAL D 143 -15.31 11.46 14.72
C VAL D 143 -14.21 12.04 13.83
N TYR D 144 -12.97 11.61 14.06
CA TYR D 144 -11.82 12.11 13.30
C TYR D 144 -11.19 10.97 12.48
N ASN D 145 -11.33 11.08 11.16
CA ASN D 145 -10.84 10.07 10.22
C ASN D 145 -9.65 10.62 9.47
N ILE D 146 -8.49 9.97 9.63
CA ILE D 146 -7.24 10.38 8.96
C ILE D 146 -6.43 9.14 8.57
N PRO D 147 -6.89 8.40 7.55
CA PRO D 147 -6.32 7.10 7.17
C PRO D 147 -4.81 7.12 6.91
N ALA D 148 -4.34 8.22 6.34
CA ALA D 148 -2.93 8.35 5.99
C ALA D 148 -2.00 8.19 7.21
N LEU D 149 -2.42 8.71 8.36
CA LEU D 149 -1.60 8.63 9.58
C LEU D 149 -2.05 7.52 10.54
N SER D 150 -3.35 7.27 10.61
CA SER D 150 -3.90 6.29 11.55
C SER D 150 -3.69 4.84 11.10
N GLY D 151 -3.64 4.62 9.79
CA GLY D 151 -3.60 3.27 9.25
C GLY D 151 -4.94 2.54 9.36
N VAL D 152 -5.98 3.26 9.78
CA VAL D 152 -7.31 2.66 9.88
C VAL D 152 -8.03 2.90 8.55
N LYS D 153 -8.54 1.82 7.98
CA LYS D 153 -9.16 1.81 6.66
C LYS D 153 -10.63 1.45 6.83
N LEU D 154 -11.43 2.44 7.21
CA LEU D 154 -12.87 2.29 7.35
C LEU D 154 -13.52 2.23 5.98
N THR D 155 -14.48 1.35 5.80
CA THR D 155 -15.31 1.35 4.60
C THR D 155 -16.34 2.47 4.75
N LEU D 156 -16.99 2.86 3.64
CA LEU D 156 -18.06 3.85 3.69
C LEU D 156 -19.17 3.42 4.64
N ASP D 157 -19.58 2.15 4.57
CA ASP D 157 -20.62 1.63 5.47
C ASP D 157 -20.20 1.74 6.94
N GLN D 158 -18.91 1.54 7.21
CA GLN D 158 -18.41 1.69 8.57
C GLN D 158 -18.42 3.16 9.03
N ILE D 159 -17.98 4.06 8.15
CA ILE D 159 -18.10 5.49 8.40
C ILE D 159 -19.55 5.87 8.72
N ASN D 160 -20.49 5.32 7.96
CA ASN D 160 -21.91 5.55 8.16
C ASN D 160 -22.38 5.12 9.55
N THR D 161 -21.93 3.94 9.99
CA THR D 161 -22.26 3.45 11.33
C THR D 161 -21.67 4.36 12.41
N LEU D 162 -20.40 4.75 12.26
CA LEU D 162 -19.77 5.65 13.25
C LEU D 162 -20.50 6.98 13.37
N VAL D 163 -20.81 7.62 12.25
CA VAL D 163 -21.38 8.96 12.32
C VAL D 163 -22.84 8.98 12.79
N THR D 164 -23.49 7.83 12.86
CA THR D 164 -24.86 7.78 13.39
C THR D 164 -24.95 7.18 14.80
N LEU D 165 -23.79 6.94 15.44
CA LEU D 165 -23.79 6.55 16.85
C LEU D 165 -24.40 7.68 17.67
N PRO D 166 -25.20 7.33 18.71
CA PRO D 166 -25.77 8.34 19.57
C PRO D 166 -24.69 9.22 20.18
N GLY D 167 -24.85 10.54 20.05
CA GLY D 167 -23.87 11.51 20.54
C GLY D 167 -22.89 12.05 19.50
N VAL D 168 -22.87 11.47 18.31
CA VAL D 168 -21.98 11.95 17.25
C VAL D 168 -22.68 13.07 16.49
N GLY D 169 -22.04 14.24 16.42
CA GLY D 169 -22.57 15.39 15.70
C GLY D 169 -21.76 15.90 14.52
N ALA D 170 -20.63 15.25 14.22
CA ALA D 170 -19.76 15.72 13.13
C ALA D 170 -18.73 14.67 12.73
N LEU D 171 -18.20 14.84 11.51
CA LEU D 171 -17.06 14.05 11.02
C LEU D 171 -15.98 15.00 10.56
N KPI D 172 -14.77 14.82 11.08
CA KPI D 172 -13.59 15.47 10.52
CB KPI D 172 -12.58 15.87 11.62
CG KPI D 172 -11.34 16.58 11.05
CD KPI D 172 -10.35 16.88 12.14
CE KPI D 172 -9.04 17.43 11.54
NZ KPI D 172 -7.97 17.56 12.59
CX1 KPI D 172 -6.80 18.21 12.38
C1 KPI D 172 -6.55 19.13 11.21
CX2 KPI D 172 -5.70 18.04 13.40
O1 KPI D 172 -5.92 17.24 14.31
O2 KPI D 172 -4.61 18.64 13.22
C KPI D 172 -12.98 14.50 9.52
O KPI D 172 -12.37 13.50 9.91
N GLN D 173 -13.14 14.80 8.24
CA GLN D 173 -12.76 13.90 7.15
C GLN D 173 -11.43 14.36 6.56
N THR D 174 -10.33 13.85 7.09
CA THR D 174 -9.00 14.16 6.55
C THR D 174 -8.67 13.07 5.54
N SER D 175 -9.32 13.20 4.39
CA SER D 175 -9.20 12.24 3.29
C SER D 175 -9.30 13.01 2.00
N GLY D 176 -8.49 12.61 1.03
CA GLY D 176 -8.50 13.23 -0.28
C GLY D 176 -9.45 12.59 -1.27
N ASP D 177 -10.27 11.65 -0.82
CA ASP D 177 -11.21 10.93 -1.68
C ASP D 177 -12.54 11.68 -1.71
N LEU D 178 -12.76 12.49 -2.75
CA LEU D 178 -13.90 13.38 -2.78
C LEU D 178 -15.16 12.73 -3.35
N TYR D 179 -15.01 11.49 -3.83
CA TYR D 179 -16.17 10.66 -4.10
C TYR D 179 -16.81 10.28 -2.76
N GLN D 180 -15.99 9.80 -1.84
CA GLN D 180 -16.48 9.42 -0.53
C GLN D 180 -17.03 10.63 0.23
N MET D 181 -16.41 11.80 0.05
CA MET D 181 -16.93 13.03 0.64
C MET D 181 -18.36 13.27 0.18
N GLU D 182 -18.62 13.10 -1.12
CA GLU D 182 -19.96 13.29 -1.69
C GLU D 182 -20.92 12.22 -1.18
N GLN D 183 -20.45 10.99 -1.12
CA GLN D 183 -21.26 9.89 -0.60
C GLN D 183 -21.70 10.08 0.85
N ILE D 184 -20.81 10.60 1.68
CA ILE D 184 -21.12 10.89 3.08
C ILE D 184 -22.17 12.00 3.14
N ARG D 185 -21.98 13.08 2.37
CA ARG D 185 -22.98 14.17 2.35
C ARG D 185 -24.35 13.64 1.91
N ARG D 186 -24.36 12.86 0.83
CA ARG D 186 -25.59 12.27 0.29
C ARG D 186 -26.34 11.43 1.33
N GLU D 187 -25.61 10.61 2.09
CA GLU D 187 -26.21 9.73 3.11
C GLU D 187 -26.70 10.51 4.33
N HIS D 188 -25.97 11.58 4.68
CA HIS D 188 -26.23 12.35 5.91
C HIS D 188 -26.38 13.83 5.58
N PRO D 189 -27.57 14.23 5.10
CA PRO D 189 -27.75 15.61 4.64
C PRO D 189 -27.50 16.69 5.68
N ASP D 190 -27.66 16.35 6.96
CA ASP D 190 -27.52 17.32 8.06
C ASP D 190 -26.20 17.20 8.82
N LEU D 191 -25.35 16.24 8.44
CA LEU D 191 -24.11 16.00 9.17
C LEU D 191 -23.15 17.17 9.02
N VAL D 192 -22.55 17.61 10.13
CA VAL D 192 -21.47 18.57 10.08
C VAL D 192 -20.25 17.83 9.54
N LEU D 193 -19.71 18.29 8.43
CA LEU D 193 -18.68 17.54 7.69
C LEU D 193 -17.48 18.43 7.38
N TYR D 194 -16.42 18.26 8.16
CA TYR D 194 -15.24 19.09 8.01
C TYR D 194 -14.25 18.49 7.02
N ASN D 195 -13.87 19.29 6.02
CA ASN D 195 -12.72 19.01 5.18
C ASN D 195 -11.42 19.10 5.98
N GLY D 196 -10.62 18.03 5.96
CA GLY D 196 -9.36 17.95 6.72
C GLY D 196 -8.07 18.27 5.99
N TYR D 197 -8.07 18.12 4.66
CA TYR D 197 -6.88 18.42 3.87
C TYR D 197 -6.97 19.82 3.27
N ASP D 198 -6.20 20.75 3.84
CA ASP D 198 -6.31 22.17 3.51
C ASP D 198 -6.12 22.43 2.01
N ASN D 199 -5.29 21.63 1.37
CA ASN D 199 -4.92 21.86 -0.03
C ASN D 199 -5.96 21.41 -1.07
N ILE D 200 -7.11 20.93 -0.60
CA ILE D 200 -8.27 20.65 -1.48
C ILE D 200 -9.56 21.27 -0.90
N PHE D 201 -9.42 22.26 -0.02
CA PHE D 201 -10.58 22.81 0.71
C PHE D 201 -11.75 23.18 -0.22
N ALA D 202 -11.45 23.97 -1.24
CA ALA D 202 -12.49 24.43 -2.17
C ALA D 202 -13.20 23.24 -2.85
N SER D 203 -12.41 22.26 -3.29
CA SER D 203 -12.96 21.05 -3.93
C SER D 203 -13.74 20.19 -2.96
N GLY D 204 -13.25 20.13 -1.70
CA GLY D 204 -13.97 19.41 -0.66
C GLY D 204 -15.32 20.01 -0.35
N LEU D 205 -15.36 21.35 -0.23
CA LEU D 205 -16.64 22.04 -0.06
C LEU D 205 -17.57 21.73 -1.22
N LEU D 206 -17.07 21.81 -2.45
CA LEU D 206 -17.91 21.51 -3.62
C LEU D 206 -18.47 20.07 -3.59
N ALA D 207 -17.67 19.13 -3.08
CA ALA D 207 -18.10 17.73 -3.00
C ALA D 207 -19.11 17.51 -1.88
N GLY D 208 -19.15 18.38 -0.88
CA GLY D 208 -20.15 18.26 0.16
C GLY D 208 -19.78 18.68 1.58
N ALA D 209 -18.49 18.86 1.86
CA ALA D 209 -18.07 19.38 3.15
C ALA D 209 -18.77 20.73 3.36
N ASP D 210 -19.09 21.05 4.60
CA ASP D 210 -19.72 22.35 4.91
C ASP D 210 -18.83 23.22 5.81
N GLY D 211 -17.57 22.85 5.90
CA GLY D 211 -16.56 23.64 6.59
C GLY D 211 -15.28 22.83 6.61
N GLY D 212 -14.40 23.16 7.54
CA GLY D 212 -13.15 22.43 7.66
C GLY D 212 -12.44 22.65 8.96
N ILE D 213 -11.48 21.77 9.21
CA ILE D 213 -10.53 21.89 10.30
C ILE D 213 -9.14 21.68 9.71
N GLY D 214 -8.24 22.64 9.94
CA GLY D 214 -6.92 22.58 9.32
C GLY D 214 -5.82 23.35 10.03
N SER D 215 -4.59 22.88 9.84
CA SER D 215 -3.41 23.43 10.48
C SER D 215 -3.05 24.81 9.93
N THR D 216 -3.16 24.99 8.61
CA THR D 216 -2.74 26.25 8.00
C THR D 216 -3.67 27.42 8.30
N TYR D 217 -4.85 27.14 8.87
CA TYR D 217 -5.80 28.18 9.24
C TYR D 217 -5.21 29.12 10.34
N ASN D 218 -4.29 28.60 11.14
CA ASN D 218 -3.56 29.40 12.13
C ASN D 218 -2.89 30.64 11.55
N ILE D 219 -2.40 30.56 10.30
CA ILE D 219 -1.75 31.71 9.66
C ILE D 219 -2.57 32.42 8.57
N MET D 220 -3.59 31.78 8.02
CA MET D 220 -4.36 32.37 6.93
CA MET D 220 -4.36 32.38 6.95
C MET D 220 -5.80 31.87 6.91
N GLY D 221 -6.38 31.73 8.10
CA GLY D 221 -7.76 31.31 8.25
C GLY D 221 -8.78 32.11 7.45
N TRP D 222 -8.55 33.42 7.31
CA TRP D 222 -9.45 34.30 6.54
C TRP D 222 -9.55 33.91 5.05
N ARG D 223 -8.50 33.33 4.48
CA ARG D 223 -8.52 32.85 3.08
C ARG D 223 -9.55 31.73 2.90
N TYR D 224 -9.61 30.84 3.88
CA TYR D 224 -10.57 29.74 3.87
C TYR D 224 -11.99 30.24 4.08
N GLN D 225 -12.16 31.21 4.98
CA GLN D 225 -13.48 31.89 5.09
C GLN D 225 -13.85 32.53 3.75
N GLY D 226 -12.86 33.08 3.07
CA GLY D 226 -13.06 33.69 1.75
C GLY D 226 -13.50 32.72 0.69
N ILE D 227 -12.96 31.50 0.74
CA ILE D 227 -13.39 30.43 -0.17
C ILE D 227 -14.84 30.08 0.10
N VAL D 228 -15.18 29.92 1.38
CA VAL D 228 -16.58 29.65 1.76
C VAL D 228 -17.50 30.73 1.18
N LYS D 229 -17.10 32.00 1.35
CA LYS D 229 -17.86 33.16 0.86
C LYS D 229 -17.97 33.16 -0.64
N ALA D 230 -16.84 32.98 -1.32
CA ALA D 230 -16.80 33.03 -2.77
C ALA D 230 -17.70 31.95 -3.38
N LEU D 231 -17.67 30.75 -2.81
CA LEU D 231 -18.52 29.66 -3.28
C LEU D 231 -20.00 29.89 -2.99
N LYS D 232 -20.32 30.54 -1.87
CA LYS D 232 -21.72 30.90 -1.56
C LYS D 232 -22.26 31.92 -2.57
N GLU D 233 -21.40 32.81 -3.04
CA GLU D 233 -21.78 33.83 -4.03
C GLU D 233 -21.65 33.36 -5.48
N GLY D 234 -21.31 32.09 -5.69
CA GLY D 234 -21.06 31.58 -7.04
C GLY D 234 -19.82 32.13 -7.73
N ASP D 235 -18.92 32.74 -6.96
CA ASP D 235 -17.71 33.32 -7.50
C ASP D 235 -16.58 32.26 -7.53
N ILE D 236 -16.61 31.41 -8.55
CA ILE D 236 -15.66 30.31 -8.68
C ILE D 236 -14.24 30.83 -8.80
N GLN D 237 -14.09 31.92 -9.55
CA GLN D 237 -12.78 32.49 -9.84
C GLN D 237 -12.02 32.92 -8.58
N THR D 238 -12.70 33.58 -7.67
CA THR D 238 -12.08 34.02 -6.42
C THR D 238 -11.79 32.81 -5.55
N ALA D 239 -12.72 31.86 -5.53
CA ALA D 239 -12.53 30.60 -4.78
C ALA D 239 -11.26 29.89 -5.24
N GLN D 240 -11.09 29.78 -6.56
CA GLN D 240 -9.93 29.12 -7.15
C GLN D 240 -8.64 29.89 -6.86
N LYS D 241 -8.69 31.21 -6.98
CA LYS D 241 -7.51 32.05 -6.72
C LYS D 241 -7.04 31.89 -5.27
N LEU D 242 -7.98 31.90 -4.34
CA LEU D 242 -7.67 31.72 -2.92
C LEU D 242 -7.10 30.34 -2.65
N GLN D 243 -7.69 29.32 -3.25
CA GLN D 243 -7.17 27.97 -3.09
C GLN D 243 -5.75 27.87 -3.65
N THR D 244 -5.51 28.48 -4.81
CA THR D 244 -4.18 28.49 -5.40
C THR D 244 -3.15 29.15 -4.48
N GLU D 245 -3.54 30.25 -3.85
CA GLU D 245 -2.63 30.97 -2.92
C GLU D 245 -2.37 30.13 -1.69
N CYS D 246 -3.41 29.49 -1.17
CA CYS D 246 -3.24 28.56 -0.05
C CYS D 246 -2.29 27.43 -0.43
N ASN D 247 -2.45 26.89 -1.64
CA ASN D 247 -1.58 25.80 -2.09
C ASN D 247 -0.14 26.23 -2.33
N LYS D 248 0.08 27.47 -2.78
CA LYS D 248 1.46 28.01 -2.89
C LYS D 248 2.15 27.96 -1.52
N VAL D 249 1.39 28.35 -0.49
CA VAL D 249 1.88 28.30 0.89
C VAL D 249 2.09 26.84 1.33
N ILE D 250 1.14 25.98 1.03
CA ILE D 250 1.23 24.61 1.50
C ILE D 250 2.44 23.90 0.87
N ASP D 251 2.71 24.13 -0.42
CA ASP D 251 3.94 23.64 -1.08
C ASP D 251 5.17 23.94 -0.22
N LEU D 252 5.30 25.20 0.17
CA LEU D 252 6.43 25.64 1.01
C LEU D 252 6.44 24.93 2.37
N LEU D 253 5.28 24.88 3.03
CA LEU D 253 5.18 24.26 4.36
C LEU D 253 5.56 22.77 4.31
N ILE D 254 5.17 22.09 3.23
CA ILE D 254 5.55 20.69 3.04
C ILE D 254 7.08 20.55 2.92
N LYS D 255 7.72 21.48 2.20
CA LYS D 255 9.18 21.50 2.09
C LYS D 255 9.83 21.73 3.46
N THR D 256 9.35 22.73 4.19
CA THR D 256 9.93 23.09 5.50
C THR D 256 9.58 22.14 6.63
N GLY D 257 8.49 21.39 6.47
CA GLY D 257 7.83 20.70 7.57
C GLY D 257 6.67 21.57 8.02
N VAL D 258 5.48 20.99 8.04
CA VAL D 258 4.27 21.82 8.14
C VAL D 258 4.09 22.49 9.51
N PHE D 259 4.18 21.76 10.61
CA PHE D 259 3.87 22.35 11.93
C PHE D 259 4.93 23.37 12.26
N ARG D 260 6.19 23.02 12.04
CA ARG D 260 7.29 23.90 12.41
C ARG D 260 7.41 25.09 11.47
N GLY D 261 7.00 24.93 10.22
CA GLY D 261 6.87 26.04 9.30
C GLY D 261 5.80 27.03 9.72
N LEU D 262 4.64 26.52 10.11
CA LEU D 262 3.56 27.37 10.61
C LEU D 262 4.00 28.12 11.88
N LYS D 263 4.66 27.41 12.79
CA LYS D 263 5.14 28.03 14.02
C LYS D 263 6.18 29.11 13.73
N THR D 264 7.00 28.91 12.69
CA THR D 264 8.01 29.90 12.31
C THR D 264 7.37 31.16 11.71
N VAL D 265 6.35 30.96 10.87
CA VAL D 265 5.56 32.08 10.36
C VAL D 265 4.94 32.84 11.54
N LEU D 266 4.33 32.11 12.45
CA LEU D 266 3.71 32.73 13.63
C LEU D 266 4.75 33.46 14.51
N HIS D 267 5.97 32.94 14.56
CA HIS D 267 7.10 33.60 15.23
C HIS D 267 7.43 34.95 14.58
N TYR D 268 7.45 35.00 13.25
CA TYR D 268 7.67 36.28 12.55
C TYR D 268 6.47 37.21 12.62
N MET D 269 5.29 36.67 12.94
CA MET D 269 4.12 37.52 13.17
C MET D 269 4.03 38.02 14.63
N ASP D 270 5.07 37.76 15.43
CA ASP D 270 5.14 38.17 16.85
C ASP D 270 4.11 37.48 17.74
N VAL D 271 3.76 36.22 17.43
CA VAL D 271 2.77 35.46 18.20
C VAL D 271 3.43 34.34 19.03
N VAL D 272 4.30 33.55 18.39
CA VAL D 272 4.96 32.40 19.01
C VAL D 272 6.42 32.74 19.28
N SER D 273 6.85 32.61 20.54
CA SER D 273 8.20 33.04 20.94
C SER D 273 9.28 32.12 20.34
N VAL D 274 9.03 30.82 20.38
CA VAL D 274 10.02 29.83 19.97
C VAL D 274 9.31 28.82 19.04
N PRO D 275 9.71 28.79 17.76
CA PRO D 275 8.90 28.03 16.79
C PRO D 275 9.23 26.53 16.74
N LEU D 276 9.50 25.92 17.88
CA LEU D 276 9.87 24.50 17.93
C LEU D 276 8.69 23.57 18.05
N CYS D 277 8.81 22.43 17.37
CA CYS D 277 8.02 21.24 17.62
C CYS D 277 8.80 20.35 18.59
N ARG D 278 8.13 19.37 19.17
CA ARG D 278 8.82 18.47 20.08
C ARG D 278 9.58 17.38 19.34
N LYS D 279 10.67 16.93 19.95
CA LYS D 279 11.44 15.80 19.45
C LYS D 279 10.53 14.56 19.45
N PRO D 280 10.62 13.73 18.41
CA PRO D 280 11.66 13.70 17.38
C PRO D 280 11.58 14.68 16.19
N PHE D 281 10.61 15.59 16.15
CA PHE D 281 10.64 16.63 15.13
C PHE D 281 11.90 17.44 15.33
N GLY D 282 12.60 17.73 14.23
CA GLY D 282 13.77 18.60 14.26
C GLY D 282 13.40 20.04 13.98
N PRO D 283 14.39 20.94 14.00
CA PRO D 283 14.16 22.35 13.69
C PRO D 283 14.03 22.61 12.20
N VAL D 284 13.49 23.77 11.87
CA VAL D 284 13.40 24.19 10.47
C VAL D 284 14.80 24.39 9.93
N ASP D 285 15.05 23.86 8.74
CA ASP D 285 16.32 24.12 8.06
C ASP D 285 16.43 25.64 7.85
N GLU D 286 17.56 26.22 8.28
CA GLU D 286 17.71 27.68 8.28
C GLU D 286 17.70 28.31 6.88
N LYS D 287 17.90 27.51 5.83
CA LYS D 287 17.83 28.02 4.46
C LYS D 287 16.43 28.51 4.08
N TYR D 288 15.41 27.99 4.77
CA TYR D 288 14.02 28.35 4.49
C TYR D 288 13.54 29.62 5.18
N LEU D 289 14.33 30.13 6.13
CA LEU D 289 13.86 31.23 6.96
C LEU D 289 13.50 32.50 6.19
N PRO D 290 14.28 32.86 5.15
CA PRO D 290 13.89 34.01 4.33
C PRO D 290 12.51 33.89 3.64
N GLU D 291 12.24 32.73 3.06
CA GLU D 291 10.92 32.45 2.49
C GLU D 291 9.83 32.52 3.55
N LEU D 292 10.09 31.92 4.72
CA LEU D 292 9.12 31.91 5.80
C LEU D 292 8.88 33.32 6.35
N LYS D 293 9.95 34.11 6.48
CA LYS D 293 9.79 35.51 6.91
C LYS D 293 9.03 36.34 5.87
N ALA D 294 9.35 36.15 4.60
CA ALA D 294 8.68 36.90 3.53
C ALA D 294 7.18 36.58 3.54
N LEU D 295 6.86 35.30 3.78
CA LEU D 295 5.45 34.87 3.84
C LEU D 295 4.71 35.55 4.99
N ALA D 296 5.32 35.60 6.16
CA ALA D 296 4.73 36.26 7.33
C ALA D 296 4.40 37.72 6.99
N GLN D 297 5.36 38.41 6.38
CA GLN D 297 5.18 39.81 5.95
C GLN D 297 4.04 39.96 4.94
N GLN D 298 4.07 39.15 3.88
CA GLN D 298 2.97 39.10 2.92
C GLN D 298 1.62 38.94 3.61
N LEU D 299 1.50 37.93 4.48
CA LEU D 299 0.21 37.65 5.13
C LEU D 299 -0.23 38.76 6.08
N MET D 300 0.72 39.37 6.79
CA MET D 300 0.40 40.48 7.69
C MET D 300 -0.10 41.69 6.89
N GLN D 301 0.56 42.01 5.79
CA GLN D 301 0.15 43.12 4.91
C GLN D 301 -1.26 42.89 4.36
N GLU D 302 -1.53 41.63 3.99
CA GLU D 302 -2.86 41.20 3.58
CA GLU D 302 -2.86 41.21 3.58
C GLU D 302 -3.77 41.10 4.80
C LAC E . 13.71 -12.77 -8.23
CA LAC E . 14.72 -12.29 -7.42
CB LAC E . 15.28 -10.92 -7.71
O LAC E . 13.37 -14.03 -8.11
OHN LAC E . 15.13 -13.03 -6.41
OXT LAC E . 13.12 -11.95 -9.08
C2 ETX F . 27.50 -16.55 -29.32
O2 ETX F . 27.31 -16.88 -30.72
C3 ETX F . 28.18 -17.96 -31.15
C4 ETX F . 28.79 -17.66 -32.53
O1 ETX F . 28.05 -14.65 -27.82
C1 ETX F . 27.61 -15.04 -29.13
C 2OP G . -2.64 20.24 5.14
O 2OP G . -3.86 19.94 5.53
CB 2OP G . -1.13 19.10 3.53
OHN 2OP G . -2.98 20.60 2.90
CA 2OP G . -2.29 20.01 3.83
OXT 2OP G . -1.77 20.78 5.96
C2 ETX H . -19.96 31.58 20.63
O2 ETX H . -19.92 30.15 20.59
C3 ETX H . -19.78 29.59 21.92
C4 ETX H . -20.71 28.40 22.13
O1 ETX H . -19.23 32.63 18.58
C1 ETX H . -20.38 32.16 19.29
#